data_1IY9
#
_entry.id   1IY9
#
_cell.length_a   96.100
_cell.length_b   105.800
_cell.length_c   121.800
_cell.angle_alpha   90.00
_cell.angle_beta   90.00
_cell.angle_gamma   90.00
#
_symmetry.space_group_name_H-M   'P 21 21 21'
#
loop_
_entity.id
_entity.type
_entity.pdbx_description
1 polymer 'Spermidine synthase'
2 water water
#
_entity_poly.entity_id   1
_entity_poly.type   'polypeptide(L)'
_entity_poly.pdbx_seq_one_letter_code
;SELWYTEKQTKNFGITMKVNKTLHTEQTEFQHLEMVETEEFGNMLFLDGMVMTSEKDEFVYHEMVAHVPLFTHPNPEHVL
VVGGGDGGVIREILKHPSVKKATLVDIDGKVIEYSKKFLPSIAGKLDDPRVDVQVDDGFMHIAKSENQYDVIMVDSTEPV
GPAVNLFTKGFYAGIAKALKEDGIFVAQTDNPWFTPELITNVQRDVKEIFPITKLYTANIPTYPSGLWTFTIGSKKYDPL
AVEDSRFFDIETKYYTKDIHKAAFVLPKFVSDLIK
;
_entity_poly.pdbx_strand_id   A,B,C,D
#
# COMPACT_ATOMS: atom_id res chain seq x y z
N SER A 1 -5.38 -0.61 12.83
CA SER A 1 -4.33 -1.58 12.45
C SER A 1 -4.34 -1.64 10.92
N GLU A 2 -3.22 -1.35 10.30
CA GLU A 2 -3.14 -1.43 8.86
C GLU A 2 -1.98 -2.34 8.48
N LEU A 3 -2.12 -3.62 8.82
CA LEU A 3 -1.10 -4.57 8.49
C LEU A 3 -1.65 -5.30 7.25
N TRP A 4 -0.97 -5.20 6.11
CA TRP A 4 -1.44 -5.82 4.89
C TRP A 4 -0.36 -6.64 4.23
N TYR A 5 -0.78 -7.76 3.63
CA TYR A 5 0.14 -8.62 2.92
C TYR A 5 -0.23 -8.45 1.45
N THR A 6 0.73 -8.04 0.62
CA THR A 6 0.48 -7.82 -0.80
C THR A 6 1.23 -8.82 -1.66
N GLU A 7 0.54 -9.34 -2.68
CA GLU A 7 1.20 -10.24 -3.59
C GLU A 7 1.16 -9.57 -4.94
N LYS A 8 2.33 -9.20 -5.43
CA LYS A 8 2.44 -8.57 -6.74
C LYS A 8 2.39 -9.75 -7.70
N GLN A 9 1.18 -10.04 -8.18
CA GLN A 9 0.93 -11.13 -9.10
C GLN A 9 1.57 -10.89 -10.46
N THR A 10 2.01 -9.65 -10.64
CA THR A 10 2.66 -9.16 -11.83
C THR A 10 3.47 -8.00 -11.25
N LYS A 11 4.46 -7.50 -11.97
CA LYS A 11 5.22 -6.35 -11.48
C LYS A 11 4.29 -5.13 -11.34
N ASN A 12 3.20 -5.13 -12.11
CA ASN A 12 2.24 -4.03 -12.16
C ASN A 12 0.85 -4.29 -11.63
N PHE A 13 0.63 -5.39 -10.94
CA PHE A 13 -0.70 -5.69 -10.45
C PHE A 13 -0.65 -6.73 -9.36
N GLY A 14 -1.57 -6.62 -8.41
CA GLY A 14 -1.61 -7.58 -7.34
C GLY A 14 -2.82 -7.43 -6.44
N ILE A 15 -2.91 -8.33 -5.46
CA ILE A 15 -3.96 -8.30 -4.48
C ILE A 15 -3.33 -8.00 -3.12
N THR A 16 -4.14 -7.45 -2.22
CA THR A 16 -3.65 -7.08 -0.91
C THR A 16 -4.70 -7.52 0.15
N MET A 17 -4.25 -8.34 1.10
CA MET A 17 -5.08 -8.90 2.17
C MET A 17 -4.77 -8.26 3.53
N LYS A 18 -5.79 -7.94 4.31
CA LYS A 18 -5.55 -7.36 5.64
C LYS A 18 -5.25 -8.49 6.60
N VAL A 19 -4.15 -8.37 7.33
CA VAL A 19 -3.69 -9.42 8.23
C VAL A 19 -3.90 -9.05 9.67
N ASN A 20 -4.36 -10.00 10.49
CA ASN A 20 -4.59 -9.75 11.91
C ASN A 20 -3.37 -10.08 12.73
N LYS A 21 -2.63 -11.09 12.28
CA LYS A 21 -1.41 -11.51 12.95
C LYS A 21 -0.79 -12.65 12.15
N THR A 22 0.49 -12.93 12.38
CA THR A 22 1.12 -14.02 11.70
C THR A 22 1.03 -15.18 12.67
N LEU A 23 0.89 -16.40 12.13
CA LEU A 23 0.79 -17.63 12.91
C LEU A 23 2.15 -18.33 12.95
N HIS A 24 2.83 -18.40 11.81
CA HIS A 24 4.14 -19.01 11.76
C HIS A 24 4.89 -18.47 10.58
N THR A 25 6.15 -18.11 10.82
CA THR A 25 7.04 -17.54 9.83
C THR A 25 8.33 -18.36 9.95
N GLU A 26 8.80 -18.93 8.84
CA GLU A 26 10.01 -19.73 8.90
C GLU A 26 10.65 -19.89 7.55
N GLN A 27 11.98 -19.82 7.51
CA GLN A 27 12.67 -20.03 6.27
C GLN A 27 13.08 -21.49 6.31
N THR A 28 12.54 -22.24 5.36
CA THR A 28 12.76 -23.67 5.20
C THR A 28 13.98 -23.94 4.30
N GLU A 29 14.40 -25.20 4.22
CA GLU A 29 15.51 -25.64 3.37
C GLU A 29 15.11 -25.38 1.92
N PHE A 30 13.81 -25.35 1.70
CA PHE A 30 13.23 -25.20 0.37
C PHE A 30 12.55 -23.89 0.05
N GLN A 31 11.88 -23.29 1.02
CA GLN A 31 11.15 -22.05 0.75
C GLN A 31 10.84 -21.27 1.99
N HIS A 32 10.23 -20.12 1.79
CA HIS A 32 9.85 -19.23 2.87
C HIS A 32 8.37 -19.49 3.18
N LEU A 33 8.13 -20.10 4.33
CA LEU A 33 6.82 -20.49 4.80
C LEU A 33 6.25 -19.39 5.67
N GLU A 34 4.99 -18.99 5.42
CA GLU A 34 4.35 -17.95 6.24
C GLU A 34 2.86 -18.23 6.45
N MET A 35 2.47 -18.75 7.61
CA MET A 35 1.05 -18.97 7.86
C MET A 35 0.63 -17.65 8.50
N VAL A 36 -0.48 -17.12 8.07
CA VAL A 36 -0.96 -15.83 8.54
C VAL A 36 -2.45 -15.88 8.73
N GLU A 37 -2.97 -15.08 9.66
CA GLU A 37 -4.42 -15.03 9.85
C GLU A 37 -4.97 -13.77 9.17
N THR A 38 -5.74 -13.95 8.10
CA THR A 38 -6.29 -12.81 7.40
C THR A 38 -7.72 -12.62 7.83
N GLU A 39 -8.18 -11.38 7.77
CA GLU A 39 -9.51 -11.07 8.19
C GLU A 39 -10.56 -11.50 7.18
N GLU A 40 -10.21 -11.45 5.91
CA GLU A 40 -11.13 -11.82 4.86
C GLU A 40 -11.25 -13.31 4.60
N PHE A 41 -10.11 -14.00 4.51
CA PHE A 41 -10.11 -15.42 4.18
C PHE A 41 -9.73 -16.43 5.24
N GLY A 42 -9.55 -15.98 6.48
CA GLY A 42 -9.14 -16.89 7.54
C GLY A 42 -7.65 -17.12 7.41
N ASN A 43 -7.18 -18.24 7.93
CA ASN A 43 -5.75 -18.55 7.85
C ASN A 43 -5.37 -18.76 6.40
N MET A 44 -4.26 -18.15 6.01
CA MET A 44 -3.77 -18.23 4.64
C MET A 44 -2.29 -18.63 4.72
N LEU A 45 -1.88 -19.54 3.84
CA LEU A 45 -0.50 -19.99 3.79
C LEU A 45 0.16 -19.39 2.54
N PHE A 46 1.34 -18.80 2.73
CA PHE A 46 2.11 -18.20 1.65
C PHE A 46 3.45 -18.93 1.52
N LEU A 47 3.88 -19.22 0.30
CA LEU A 47 5.16 -19.86 0.08
C LEU A 47 5.95 -18.97 -0.89
N ASP A 48 7.08 -18.44 -0.42
CA ASP A 48 7.91 -17.55 -1.21
C ASP A 48 7.12 -16.32 -1.66
N GLY A 49 6.35 -15.75 -0.73
CA GLY A 49 5.56 -14.59 -1.04
C GLY A 49 4.28 -14.78 -1.86
N MET A 50 3.98 -16.00 -2.31
CA MET A 50 2.80 -16.27 -3.12
C MET A 50 1.75 -17.08 -2.35
N VAL A 51 0.49 -16.72 -2.53
CA VAL A 51 -0.64 -17.39 -1.88
C VAL A 51 -0.77 -18.88 -2.28
N MET A 52 -0.85 -19.78 -1.30
CA MET A 52 -1.00 -21.20 -1.58
C MET A 52 -2.49 -21.58 -1.39
N THR A 53 -3.04 -21.39 -0.19
CA THR A 53 -4.47 -21.61 0.09
C THR A 53 -4.87 -20.75 1.25
N SER A 54 -6.16 -20.71 1.53
CA SER A 54 -6.71 -19.96 2.63
C SER A 54 -7.92 -20.79 3.05
N GLU A 55 -8.38 -20.65 4.29
CA GLU A 55 -9.53 -21.39 4.75
C GLU A 55 -10.78 -21.09 3.94
N LYS A 56 -10.96 -19.82 3.57
CA LYS A 56 -12.16 -19.47 2.85
C LYS A 56 -12.32 -19.99 1.42
N ASP A 57 -11.27 -19.97 0.63
CA ASP A 57 -11.46 -20.40 -0.76
C ASP A 57 -10.70 -21.62 -1.26
N GLU A 58 -10.06 -22.34 -0.35
CA GLU A 58 -9.30 -23.52 -0.69
C GLU A 58 -10.07 -24.59 -1.44
N PHE A 59 -11.36 -24.70 -1.18
CA PHE A 59 -12.18 -25.72 -1.81
C PHE A 59 -12.20 -25.74 -3.34
N VAL A 60 -12.10 -24.59 -4.00
CA VAL A 60 -12.13 -24.60 -5.45
C VAL A 60 -10.99 -25.42 -6.05
N TYR A 61 -9.75 -25.05 -5.74
CA TYR A 61 -8.57 -25.74 -6.26
C TYR A 61 -8.57 -27.23 -5.90
N HIS A 62 -8.80 -27.53 -4.63
CA HIS A 62 -8.80 -28.89 -4.15
C HIS A 62 -9.85 -29.75 -4.82
N GLU A 63 -11.07 -29.24 -4.92
CA GLU A 63 -12.11 -30.02 -5.58
C GLU A 63 -11.92 -30.21 -7.08
N MET A 64 -11.54 -29.15 -7.79
CA MET A 64 -11.41 -29.25 -9.24
C MET A 64 -10.19 -30.03 -9.72
N VAL A 65 -9.12 -30.03 -8.93
CA VAL A 65 -7.93 -30.80 -9.26
C VAL A 65 -8.20 -32.28 -9.00
N ALA A 66 -8.93 -32.60 -7.93
CA ALA A 66 -9.22 -33.98 -7.61
C ALA A 66 -10.39 -34.63 -8.35
N HIS A 67 -11.58 -34.04 -8.24
CA HIS A 67 -12.78 -34.62 -8.84
C HIS A 67 -12.90 -34.74 -10.34
N VAL A 68 -12.33 -33.84 -11.09
CA VAL A 68 -12.45 -33.95 -12.53
C VAL A 68 -11.75 -35.22 -13.02
N PRO A 69 -10.48 -35.46 -12.61
CA PRO A 69 -9.84 -36.70 -13.09
C PRO A 69 -10.35 -37.97 -12.44
N LEU A 70 -10.73 -37.92 -11.17
CA LEU A 70 -11.25 -39.12 -10.51
C LEU A 70 -12.58 -39.61 -11.13
N PHE A 71 -13.50 -38.68 -11.42
CA PHE A 71 -14.75 -39.09 -12.03
C PHE A 71 -14.58 -39.45 -13.53
N THR A 72 -13.55 -38.90 -14.17
CA THR A 72 -13.26 -39.20 -15.57
C THR A 72 -12.81 -40.66 -15.65
N HIS A 73 -12.12 -41.10 -14.60
CA HIS A 73 -11.63 -42.46 -14.52
C HIS A 73 -12.79 -43.34 -14.06
N PRO A 74 -13.04 -44.46 -14.78
CA PRO A 74 -14.14 -45.36 -14.40
C PRO A 74 -13.98 -45.96 -13.03
N ASN A 75 -12.77 -46.09 -12.53
CA ASN A 75 -12.57 -46.69 -11.21
C ASN A 75 -11.16 -46.43 -10.68
N PRO A 76 -10.88 -45.24 -10.13
CA PRO A 76 -9.56 -44.89 -9.60
C PRO A 76 -9.29 -45.65 -8.31
N GLU A 77 -8.11 -46.25 -8.20
CA GLU A 77 -7.79 -46.99 -7.00
C GLU A 77 -6.49 -46.61 -6.33
N HIS A 78 -5.51 -46.25 -7.15
CA HIS A 78 -4.17 -45.87 -6.68
C HIS A 78 -3.90 -44.51 -7.26
N VAL A 79 -3.83 -43.51 -6.37
CA VAL A 79 -3.65 -42.11 -6.72
C VAL A 79 -2.41 -41.45 -6.11
N LEU A 80 -1.77 -40.56 -6.86
CA LEU A 80 -0.58 -39.89 -6.36
C LEU A 80 -0.78 -38.38 -6.40
N VAL A 81 -0.40 -37.71 -5.32
CA VAL A 81 -0.47 -36.26 -5.26
C VAL A 81 0.98 -35.82 -5.03
N VAL A 82 1.53 -35.06 -5.98
CA VAL A 82 2.90 -34.52 -5.87
C VAL A 82 2.81 -33.02 -5.51
N GLY A 83 3.39 -32.64 -4.38
CA GLY A 83 3.35 -31.24 -3.97
C GLY A 83 2.10 -30.77 -3.24
N GLY A 84 1.32 -31.67 -2.66
CA GLY A 84 0.11 -31.24 -1.99
C GLY A 84 0.27 -31.18 -0.48
N GLY A 85 1.33 -30.52 -0.03
CA GLY A 85 1.62 -30.41 1.39
C GLY A 85 0.46 -30.07 2.32
N ASP A 86 -0.42 -29.18 1.92
CA ASP A 86 -1.58 -28.80 2.73
C ASP A 86 -2.62 -29.91 2.89
N GLY A 87 -2.49 -30.96 2.10
CA GLY A 87 -3.39 -32.11 2.18
C GLY A 87 -4.82 -31.95 1.70
N GLY A 88 -5.09 -30.85 1.03
CA GLY A 88 -6.42 -30.57 0.56
C GLY A 88 -6.89 -31.46 -0.55
N VAL A 89 -6.02 -31.79 -1.49
CA VAL A 89 -6.40 -32.68 -2.59
C VAL A 89 -6.63 -34.08 -2.01
N ILE A 90 -5.79 -34.49 -1.05
CA ILE A 90 -5.93 -35.79 -0.41
C ILE A 90 -7.31 -35.83 0.25
N ARG A 91 -7.67 -34.77 0.97
CA ARG A 91 -8.99 -34.70 1.60
C ARG A 91 -10.13 -34.98 0.62
N GLU A 92 -9.98 -34.50 -0.61
CA GLU A 92 -11.00 -34.71 -1.63
C GLU A 92 -10.96 -36.11 -2.24
N ILE A 93 -9.74 -36.63 -2.44
CA ILE A 93 -9.53 -37.96 -2.99
C ILE A 93 -10.21 -39.04 -2.12
N LEU A 94 -10.15 -38.84 -0.80
CA LEU A 94 -10.76 -39.76 0.15
C LEU A 94 -12.30 -39.83 0.10
N LYS A 95 -12.93 -38.90 -0.61
CA LYS A 95 -14.37 -38.93 -0.75
C LYS A 95 -14.81 -39.99 -1.79
N HIS A 96 -13.82 -40.58 -2.47
CA HIS A 96 -14.04 -41.62 -3.47
C HIS A 96 -13.73 -42.99 -2.87
N PRO A 97 -14.77 -43.83 -2.65
CA PRO A 97 -14.64 -45.16 -2.06
C PRO A 97 -13.71 -46.07 -2.87
N SER A 98 -13.71 -45.91 -4.18
CA SER A 98 -12.87 -46.74 -5.03
C SER A 98 -11.37 -46.62 -4.74
N VAL A 99 -10.97 -45.52 -4.12
CA VAL A 99 -9.55 -45.29 -3.83
C VAL A 99 -9.06 -46.17 -2.70
N LYS A 100 -8.16 -47.08 -3.04
CA LYS A 100 -7.57 -48.01 -2.08
C LYS A 100 -6.46 -47.31 -1.31
N LYS A 101 -5.65 -46.54 -2.02
CA LYS A 101 -4.54 -45.85 -1.40
C LYS A 101 -4.18 -44.55 -2.16
N ALA A 102 -4.00 -43.47 -1.41
CA ALA A 102 -3.63 -42.18 -1.96
C ALA A 102 -2.27 -41.80 -1.37
N THR A 103 -1.26 -41.70 -2.21
CA THR A 103 0.08 -41.33 -1.77
C THR A 103 0.29 -39.82 -1.95
N LEU A 104 0.88 -39.17 -0.96
CA LEU A 104 1.19 -37.74 -1.01
C LEU A 104 2.70 -37.59 -0.88
N VAL A 105 3.33 -36.94 -1.84
CA VAL A 105 4.77 -36.74 -1.76
C VAL A 105 5.06 -35.23 -1.85
N ASP A 106 5.74 -34.68 -0.85
CA ASP A 106 6.07 -33.24 -0.80
C ASP A 106 7.47 -33.13 -0.18
N ILE A 107 8.35 -32.30 -0.76
CA ILE A 107 9.72 -32.14 -0.23
C ILE A 107 9.80 -31.47 1.13
N ASP A 108 8.89 -30.55 1.39
CA ASP A 108 8.88 -29.80 2.64
C ASP A 108 7.92 -30.33 3.69
N GLY A 109 8.49 -30.99 4.68
CA GLY A 109 7.70 -31.57 5.74
C GLY A 109 7.11 -30.51 6.61
N LYS A 110 7.71 -29.33 6.58
CA LYS A 110 7.22 -28.24 7.40
C LYS A 110 5.93 -27.64 6.89
N VAL A 111 5.67 -27.81 5.61
CA VAL A 111 4.40 -27.35 5.06
C VAL A 111 3.31 -28.28 5.62
N ILE A 112 3.59 -29.58 5.63
CA ILE A 112 2.64 -30.55 6.15
C ILE A 112 2.39 -30.29 7.64
N GLU A 113 3.48 -30.04 8.37
CA GLU A 113 3.39 -29.81 9.80
C GLU A 113 2.53 -28.61 10.17
N TYR A 114 2.80 -27.46 9.55
CA TYR A 114 2.03 -26.28 9.89
C TYR A 114 0.64 -26.22 9.31
N SER A 115 0.41 -26.98 8.24
CA SER A 115 -0.93 -27.05 7.67
C SER A 115 -1.81 -27.89 8.62
N LYS A 116 -1.21 -28.93 9.21
CA LYS A 116 -1.95 -29.76 10.13
C LYS A 116 -2.33 -28.91 11.32
N LYS A 117 -1.40 -28.05 11.72
CA LYS A 117 -1.60 -27.19 12.88
C LYS A 117 -2.51 -25.98 12.69
N PHE A 118 -2.42 -25.29 11.54
CA PHE A 118 -3.21 -24.08 11.30
C PHE A 118 -4.29 -24.16 10.24
N LEU A 119 -4.24 -25.21 9.43
CA LEU A 119 -5.23 -25.42 8.40
C LEU A 119 -5.80 -26.82 8.64
N PRO A 120 -6.35 -27.06 9.85
CA PRO A 120 -6.89 -28.38 10.15
C PRO A 120 -8.01 -28.81 9.22
N SER A 121 -8.85 -27.86 8.80
CA SER A 121 -9.95 -28.18 7.91
C SER A 121 -9.48 -28.64 6.51
N ILE A 122 -8.19 -28.45 6.23
CA ILE A 122 -7.62 -28.81 4.94
C ILE A 122 -6.67 -30.00 5.10
N ALA A 123 -5.85 -30.00 6.15
CA ALA A 123 -4.89 -31.07 6.36
C ALA A 123 -5.31 -32.19 7.31
N GLY A 124 -6.50 -32.07 7.88
CA GLY A 124 -6.99 -33.07 8.83
C GLY A 124 -7.16 -34.52 8.41
N LYS A 125 -7.03 -34.84 7.12
CA LYS A 125 -7.21 -36.22 6.67
C LYS A 125 -5.91 -36.93 6.35
N LEU A 126 -4.78 -36.25 6.50
CA LEU A 126 -3.47 -36.84 6.23
C LEU A 126 -3.11 -37.99 7.17
N ASP A 127 -3.82 -38.07 8.29
CA ASP A 127 -3.59 -39.13 9.28
C ASP A 127 -4.42 -40.39 9.00
N ASP A 128 -5.17 -40.35 7.90
CA ASP A 128 -6.04 -41.44 7.47
C ASP A 128 -5.23 -42.66 7.00
N PRO A 129 -5.68 -43.87 7.32
CA PRO A 129 -5.03 -45.13 6.95
C PRO A 129 -4.86 -45.34 5.45
N ARG A 130 -5.78 -44.80 4.66
CA ARG A 130 -5.70 -44.91 3.22
C ARG A 130 -4.64 -43.99 2.59
N VAL A 131 -4.09 -43.08 3.41
CA VAL A 131 -3.09 -42.12 2.93
C VAL A 131 -1.68 -42.55 3.34
N ASP A 132 -0.74 -42.32 2.44
CA ASP A 132 0.66 -42.63 2.68
C ASP A 132 1.41 -41.34 2.39
N VAL A 133 1.78 -40.62 3.44
CA VAL A 133 2.51 -39.34 3.32
C VAL A 133 4.02 -39.56 3.33
N GLN A 134 4.68 -39.06 2.29
CA GLN A 134 6.12 -39.19 2.17
C GLN A 134 6.76 -37.83 1.95
N VAL A 135 7.71 -37.47 2.81
CA VAL A 135 8.41 -36.21 2.65
C VAL A 135 9.61 -36.54 1.80
N ASP A 136 9.47 -36.33 0.50
CA ASP A 136 10.53 -36.64 -0.44
C ASP A 136 10.31 -35.84 -1.72
N ASP A 137 11.28 -35.88 -2.63
CA ASP A 137 11.23 -35.14 -3.89
C ASP A 137 9.90 -35.05 -4.63
N GLY A 138 9.42 -36.13 -5.22
CA GLY A 138 8.16 -35.99 -5.92
C GLY A 138 8.46 -36.17 -7.39
N PHE A 139 9.36 -35.36 -7.92
CA PHE A 139 9.77 -35.53 -9.30
C PHE A 139 10.63 -36.80 -9.31
N MET A 140 11.47 -36.99 -8.30
CA MET A 140 12.29 -38.21 -8.21
C MET A 140 11.33 -39.38 -8.04
N HIS A 141 10.28 -39.17 -7.26
CA HIS A 141 9.29 -40.21 -7.05
C HIS A 141 8.59 -40.62 -8.34
N ILE A 142 8.21 -39.66 -9.16
CA ILE A 142 7.57 -39.96 -10.44
C ILE A 142 8.59 -40.64 -11.36
N ALA A 143 9.84 -40.20 -11.32
CA ALA A 143 10.90 -40.77 -12.14
C ALA A 143 11.10 -42.25 -11.82
N LYS A 144 10.87 -42.60 -10.57
CA LYS A 144 11.04 -43.98 -10.11
C LYS A 144 9.77 -44.82 -10.01
N SER A 145 8.71 -44.38 -10.66
CA SER A 145 7.46 -45.13 -10.68
C SER A 145 7.21 -45.70 -12.07
N GLU A 146 6.59 -46.87 -12.12
CA GLU A 146 6.30 -47.53 -13.39
C GLU A 146 4.91 -48.12 -13.22
N ASN A 147 4.02 -47.72 -14.11
CA ASN A 147 2.61 -48.09 -14.06
C ASN A 147 2.09 -48.58 -12.73
N GLN A 148 2.04 -47.63 -11.81
CA GLN A 148 1.58 -47.81 -10.44
C GLN A 148 0.31 -47.04 -10.13
N TYR A 149 0.08 -45.92 -10.81
CA TYR A 149 -1.06 -45.04 -10.53
C TYR A 149 -2.10 -44.85 -11.62
N ASP A 150 -3.33 -44.74 -11.17
CA ASP A 150 -4.50 -44.54 -12.02
C ASP A 150 -4.61 -43.07 -12.34
N VAL A 151 -4.42 -42.24 -11.32
CA VAL A 151 -4.49 -40.79 -11.45
C VAL A 151 -3.31 -40.19 -10.68
N ILE A 152 -2.67 -39.21 -11.31
CA ILE A 152 -1.57 -38.49 -10.68
C ILE A 152 -1.86 -36.99 -10.76
N MET A 153 -2.03 -36.34 -9.62
CA MET A 153 -2.23 -34.90 -9.66
C MET A 153 -0.88 -34.23 -9.30
N VAL A 154 -0.39 -33.41 -10.21
CA VAL A 154 0.90 -32.73 -10.11
C VAL A 154 0.79 -31.22 -9.83
N ASP A 155 1.69 -30.74 -9.00
CA ASP A 155 1.77 -29.35 -8.59
C ASP A 155 2.45 -28.45 -9.64
N SER A 156 3.75 -28.67 -9.84
CA SER A 156 4.51 -27.90 -10.81
C SER A 156 4.72 -28.75 -12.04
N THR A 157 4.71 -28.10 -13.19
CA THR A 157 4.89 -28.80 -14.43
C THR A 157 6.36 -28.80 -14.89
N GLU A 158 7.23 -28.14 -14.11
CA GLU A 158 8.66 -28.05 -14.42
C GLU A 158 9.53 -28.64 -13.32
N PRO A 159 10.08 -29.84 -13.57
CA PRO A 159 10.93 -30.53 -12.61
C PRO A 159 12.26 -29.83 -12.26
N VAL A 160 12.58 -29.80 -10.97
CA VAL A 160 13.80 -29.19 -10.46
C VAL A 160 14.49 -30.28 -9.63
N GLY A 161 15.82 -30.30 -9.67
CA GLY A 161 16.57 -31.31 -8.96
C GLY A 161 16.87 -32.37 -10.00
N PRO A 162 16.95 -33.65 -9.63
CA PRO A 162 17.23 -34.70 -10.62
C PRO A 162 16.24 -34.85 -11.82
N ALA A 163 16.57 -34.14 -12.91
CA ALA A 163 15.83 -34.15 -14.16
C ALA A 163 16.28 -35.41 -14.96
N VAL A 164 15.97 -36.56 -14.37
CA VAL A 164 16.27 -37.90 -14.93
C VAL A 164 15.18 -38.18 -15.99
N ASN A 165 14.17 -37.32 -16.03
CA ASN A 165 13.06 -37.39 -16.98
C ASN A 165 13.68 -36.93 -18.29
N LEU A 166 14.47 -37.80 -18.91
CA LEU A 166 15.13 -37.45 -20.17
C LEU A 166 14.37 -37.99 -21.36
N PHE A 167 13.14 -38.41 -21.12
CA PHE A 167 12.27 -38.90 -22.17
C PHE A 167 12.12 -37.66 -23.02
N THR A 168 11.68 -37.77 -24.28
CA THR A 168 11.48 -36.54 -25.09
C THR A 168 10.48 -35.72 -24.28
N LYS A 169 10.80 -34.43 -24.08
CA LYS A 169 10.02 -33.49 -23.25
C LYS A 169 9.75 -34.26 -21.93
N GLY A 170 10.80 -34.92 -21.47
CA GLY A 170 10.82 -35.72 -20.28
C GLY A 170 9.64 -35.82 -19.35
N PHE A 171 9.27 -34.72 -18.69
CA PHE A 171 8.22 -34.82 -17.69
C PHE A 171 6.96 -35.59 -18.02
N TYR A 172 6.28 -35.23 -19.10
CA TYR A 172 5.03 -35.86 -19.44
C TYR A 172 5.19 -37.34 -19.77
N ALA A 173 6.27 -37.69 -20.45
CA ALA A 173 6.54 -39.09 -20.75
C ALA A 173 6.89 -39.80 -19.44
N GLY A 174 7.47 -39.06 -18.49
CA GLY A 174 7.82 -39.60 -17.19
C GLY A 174 6.55 -39.96 -16.44
N ILE A 175 5.55 -39.09 -16.57
CA ILE A 175 4.25 -39.26 -15.95
C ILE A 175 3.50 -40.43 -16.63
N ALA A 176 3.56 -40.50 -17.96
CA ALA A 176 2.89 -41.58 -18.65
C ALA A 176 3.47 -42.90 -18.18
N LYS A 177 4.79 -42.93 -17.94
CA LYS A 177 5.45 -44.14 -17.45
C LYS A 177 4.95 -44.53 -16.07
N ALA A 178 4.75 -43.56 -15.18
CA ALA A 178 4.29 -43.86 -13.80
C ALA A 178 2.79 -44.25 -13.76
N LEU A 179 2.04 -43.80 -14.75
CA LEU A 179 0.62 -44.08 -14.85
C LEU A 179 0.36 -45.47 -15.43
N LYS A 180 -0.79 -46.04 -15.10
CA LYS A 180 -1.17 -47.34 -15.62
C LYS A 180 -1.60 -47.09 -17.06
N GLU A 181 -1.82 -48.16 -17.82
CA GLU A 181 -2.18 -48.04 -19.23
C GLU A 181 -3.36 -47.14 -19.60
N ASP A 182 -4.23 -46.92 -18.64
CA ASP A 182 -5.39 -46.07 -18.87
C ASP A 182 -5.41 -44.93 -17.85
N GLY A 183 -4.20 -44.54 -17.42
CA GLY A 183 -4.04 -43.49 -16.44
C GLY A 183 -4.40 -42.09 -16.93
N ILE A 184 -4.57 -41.22 -15.94
CA ILE A 184 -4.93 -39.82 -16.14
C ILE A 184 -4.05 -38.98 -15.22
N PHE A 185 -3.65 -37.81 -15.69
CA PHE A 185 -2.86 -36.90 -14.85
C PHE A 185 -3.40 -35.48 -15.04
N VAL A 186 -3.29 -34.68 -14.00
CA VAL A 186 -3.74 -33.30 -14.04
C VAL A 186 -2.62 -32.42 -13.51
N ALA A 187 -2.48 -31.23 -14.07
CA ALA A 187 -1.49 -30.26 -13.61
C ALA A 187 -2.08 -28.85 -13.77
N GLN A 188 -1.99 -28.04 -12.72
CA GLN A 188 -2.50 -26.69 -12.78
C GLN A 188 -1.61 -26.03 -13.80
N THR A 189 -2.17 -25.15 -14.59
CA THR A 189 -1.36 -24.53 -15.59
C THR A 189 -1.61 -23.02 -15.72
N ASP A 190 -1.60 -22.37 -14.56
CA ASP A 190 -1.75 -20.95 -14.40
C ASP A 190 -2.96 -20.29 -14.99
N ASN A 191 -2.87 -18.98 -15.21
CA ASN A 191 -3.99 -18.19 -15.73
C ASN A 191 -3.69 -17.74 -17.16
N PRO A 192 -4.74 -17.47 -17.94
CA PRO A 192 -4.59 -17.03 -19.32
C PRO A 192 -4.39 -15.53 -19.54
N TRP A 193 -4.43 -14.72 -18.49
CA TRP A 193 -4.25 -13.27 -18.65
C TRP A 193 -2.80 -12.75 -18.55
N PHE A 194 -1.98 -13.35 -17.67
CA PHE A 194 -0.61 -12.87 -17.45
C PHE A 194 0.46 -13.87 -17.87
N THR A 195 0.14 -15.14 -17.89
CA THR A 195 1.12 -16.14 -18.31
C THR A 195 0.45 -17.08 -19.34
N PRO A 196 -0.11 -16.50 -20.41
CA PRO A 196 -0.75 -17.34 -21.39
C PRO A 196 0.18 -18.28 -22.13
N GLU A 197 1.47 -17.93 -22.24
CA GLU A 197 2.46 -18.76 -22.93
C GLU A 197 2.52 -20.17 -22.34
N LEU A 198 2.48 -20.24 -21.01
CA LEU A 198 2.52 -21.51 -20.28
C LEU A 198 1.40 -22.47 -20.71
N ILE A 199 0.20 -21.94 -20.91
CA ILE A 199 -0.94 -22.75 -21.35
C ILE A 199 -0.71 -23.34 -22.75
N THR A 200 -0.18 -22.52 -23.65
CA THR A 200 0.11 -22.95 -25.01
C THR A 200 1.14 -24.07 -25.03
N ASN A 201 2.25 -23.82 -24.33
CA ASN A 201 3.38 -24.75 -24.26
C ASN A 201 3.05 -26.08 -23.64
N VAL A 202 2.44 -26.05 -22.46
CA VAL A 202 2.07 -27.27 -21.74
C VAL A 202 1.05 -28.08 -22.54
N GLN A 203 0.05 -27.39 -23.04
CA GLN A 203 -0.99 -28.02 -23.80
C GLN A 203 -0.41 -28.78 -25.02
N ARG A 204 0.57 -28.14 -25.68
CA ARG A 204 1.24 -28.74 -26.84
C ARG A 204 2.16 -29.90 -26.45
N ASP A 205 2.92 -29.72 -25.39
CA ASP A 205 3.84 -30.75 -24.93
C ASP A 205 3.14 -31.99 -24.36
N VAL A 206 2.01 -31.78 -23.72
CA VAL A 206 1.28 -32.89 -23.15
C VAL A 206 0.62 -33.66 -24.26
N LYS A 207 0.14 -32.95 -25.27
CA LYS A 207 -0.54 -33.57 -26.40
C LYS A 207 0.41 -34.49 -27.15
N GLU A 208 1.71 -34.16 -27.12
CA GLU A 208 2.72 -34.96 -27.80
C GLU A 208 2.75 -36.37 -27.23
N ILE A 209 2.30 -36.55 -26.00
CA ILE A 209 2.34 -37.88 -25.42
C ILE A 209 1.02 -38.53 -24.98
N PHE A 210 -0.02 -37.74 -24.75
CA PHE A 210 -1.33 -38.28 -24.37
C PHE A 210 -2.32 -38.07 -25.50
N PRO A 211 -3.07 -39.11 -25.89
CA PRO A 211 -4.05 -38.96 -26.97
C PRO A 211 -5.13 -37.92 -26.62
N ILE A 212 -5.43 -37.79 -25.35
CA ILE A 212 -6.43 -36.85 -24.87
C ILE A 212 -5.81 -35.76 -24.01
N THR A 213 -5.84 -34.51 -24.49
CA THR A 213 -5.31 -33.39 -23.75
C THR A 213 -6.32 -32.25 -23.80
N LYS A 214 -6.95 -31.97 -22.66
CA LYS A 214 -7.95 -30.92 -22.56
C LYS A 214 -7.50 -29.91 -21.52
N LEU A 215 -8.18 -28.78 -21.45
CA LEU A 215 -7.87 -27.71 -20.50
C LEU A 215 -9.16 -27.27 -19.84
N TYR A 216 -9.21 -27.29 -18.51
CA TYR A 216 -10.41 -26.83 -17.86
C TYR A 216 -10.14 -25.63 -16.97
N THR A 217 -11.23 -25.00 -16.57
CA THR A 217 -11.23 -23.76 -15.81
C THR A 217 -11.91 -23.77 -14.44
N ALA A 218 -11.56 -22.81 -13.60
CA ALA A 218 -12.16 -22.64 -12.28
C ALA A 218 -11.82 -21.25 -11.72
N ASN A 219 -12.72 -20.70 -10.90
CA ASN A 219 -12.57 -19.40 -10.26
C ASN A 219 -11.92 -19.47 -8.87
N ILE A 220 -10.68 -19.00 -8.76
CA ILE A 220 -9.99 -18.97 -7.47
C ILE A 220 -9.68 -17.49 -7.21
N PRO A 221 -10.51 -16.80 -6.43
CA PRO A 221 -10.36 -15.38 -6.10
C PRO A 221 -9.00 -14.91 -5.52
N THR A 222 -8.24 -15.82 -4.97
CA THR A 222 -6.97 -15.50 -4.38
C THR A 222 -5.79 -15.77 -5.32
N TYR A 223 -6.07 -16.27 -6.51
CA TYR A 223 -5.04 -16.56 -7.49
C TYR A 223 -5.08 -15.53 -8.59
N PRO A 224 -3.93 -15.29 -9.25
CA PRO A 224 -3.85 -14.30 -10.33
C PRO A 224 -4.98 -14.32 -11.34
N SER A 225 -5.68 -13.17 -11.46
CA SER A 225 -6.79 -12.93 -12.40
C SER A 225 -8.15 -13.52 -12.05
N GLY A 226 -8.19 -14.40 -11.06
CA GLY A 226 -9.45 -15.01 -10.65
C GLY A 226 -9.89 -16.20 -11.50
N LEU A 227 -9.09 -16.53 -12.52
CA LEU A 227 -9.39 -17.64 -13.40
C LEU A 227 -8.16 -18.52 -13.45
N TRP A 228 -8.29 -19.73 -12.94
CA TRP A 228 -7.18 -20.66 -12.96
C TRP A 228 -7.44 -21.74 -14.00
N THR A 229 -6.36 -22.31 -14.49
CA THR A 229 -6.39 -23.28 -15.54
C THR A 229 -5.81 -24.62 -15.16
N PHE A 230 -6.38 -25.70 -15.69
CA PHE A 230 -5.89 -27.04 -15.42
C PHE A 230 -5.77 -27.85 -16.71
N THR A 231 -4.65 -28.55 -16.83
CA THR A 231 -4.38 -29.40 -17.99
C THR A 231 -4.60 -30.87 -17.59
N ILE A 232 -5.39 -31.57 -18.38
CA ILE A 232 -5.65 -32.98 -18.11
C ILE A 232 -5.12 -33.81 -19.27
N GLY A 233 -4.23 -34.74 -18.94
CA GLY A 233 -3.65 -35.64 -19.91
C GLY A 233 -4.22 -37.01 -19.58
N SER A 234 -4.92 -37.59 -20.55
CA SER A 234 -5.54 -38.88 -20.38
C SER A 234 -5.07 -39.83 -21.45
N LYS A 235 -4.85 -41.08 -21.07
CA LYS A 235 -4.39 -42.09 -22.00
C LYS A 235 -5.57 -42.77 -22.69
N LYS A 236 -6.73 -42.76 -22.06
CA LYS A 236 -7.89 -43.44 -22.63
C LYS A 236 -9.26 -42.81 -22.40
N TYR A 237 -9.55 -42.39 -21.17
CA TYR A 237 -10.88 -41.84 -20.88
C TYR A 237 -11.03 -40.35 -21.12
N ASP A 238 -12.13 -39.99 -21.76
CA ASP A 238 -12.45 -38.60 -22.08
C ASP A 238 -13.25 -38.00 -20.93
N PRO A 239 -12.77 -36.87 -20.36
CA PRO A 239 -13.48 -36.23 -19.25
C PRO A 239 -14.87 -35.70 -19.60
N LEU A 240 -15.12 -35.56 -20.89
CA LEU A 240 -16.40 -35.07 -21.37
C LEU A 240 -17.33 -36.22 -21.77
N ALA A 241 -16.88 -37.45 -21.56
CA ALA A 241 -17.68 -38.60 -21.93
C ALA A 241 -18.13 -39.34 -20.69
N VAL A 242 -18.00 -38.73 -19.53
CA VAL A 242 -18.39 -39.41 -18.30
C VAL A 242 -19.87 -39.76 -18.29
N GLU A 243 -20.15 -41.02 -17.94
CA GLU A 243 -21.51 -41.53 -17.87
C GLU A 243 -22.19 -40.91 -16.68
N ASP A 244 -23.46 -40.57 -16.85
CA ASP A 244 -24.22 -39.96 -15.78
C ASP A 244 -24.29 -40.86 -14.52
N SER A 245 -24.44 -42.15 -14.74
CA SER A 245 -24.53 -43.14 -13.67
C SER A 245 -23.23 -43.27 -12.89
N ARG A 246 -22.15 -42.77 -13.48
CA ARG A 246 -20.82 -42.83 -12.87
C ARG A 246 -20.73 -41.99 -11.59
N PHE A 247 -21.43 -40.85 -11.59
CA PHE A 247 -21.42 -39.95 -10.44
C PHE A 247 -22.17 -40.54 -9.28
N PHE A 248 -21.82 -40.09 -8.08
CA PHE A 248 -22.49 -40.49 -6.85
C PHE A 248 -22.46 -39.27 -5.94
N ASP A 249 -23.34 -39.24 -4.95
CA ASP A 249 -23.39 -38.10 -4.04
C ASP A 249 -22.07 -37.92 -3.32
N ILE A 250 -21.58 -36.69 -3.35
CA ILE A 250 -20.31 -36.38 -2.75
C ILE A 250 -20.48 -34.96 -2.23
N GLU A 251 -19.92 -34.69 -1.08
CA GLU A 251 -20.06 -33.36 -0.51
C GLU A 251 -19.00 -32.39 -1.05
N THR A 252 -19.46 -31.35 -1.76
CA THR A 252 -18.57 -30.35 -2.32
C THR A 252 -19.21 -28.97 -2.22
N LYS A 253 -18.42 -27.92 -2.43
CA LYS A 253 -18.94 -26.56 -2.37
C LYS A 253 -18.77 -25.84 -3.71
N TYR A 254 -18.07 -26.47 -4.66
CA TYR A 254 -17.86 -25.87 -5.97
C TYR A 254 -18.20 -26.86 -7.06
N TYR A 255 -17.44 -27.95 -7.10
CA TYR A 255 -17.61 -29.03 -8.08
C TYR A 255 -19.03 -29.59 -8.14
N THR A 256 -19.44 -29.91 -9.37
CA THR A 256 -20.77 -30.42 -9.66
C THR A 256 -20.58 -31.27 -10.91
N LYS A 257 -21.45 -32.24 -11.15
CA LYS A 257 -21.32 -33.07 -12.33
C LYS A 257 -21.44 -32.22 -13.58
N ASP A 258 -22.21 -31.14 -13.47
CA ASP A 258 -22.39 -30.19 -14.57
C ASP A 258 -21.19 -29.29 -14.69
N ILE A 259 -20.65 -28.85 -13.55
CA ILE A 259 -19.45 -28.01 -13.56
C ILE A 259 -18.34 -28.83 -14.22
N HIS A 260 -18.38 -30.15 -13.99
CA HIS A 260 -17.41 -31.08 -14.55
C HIS A 260 -17.29 -30.88 -16.03
N LYS A 261 -18.42 -30.80 -16.73
CA LYS A 261 -18.38 -30.58 -18.17
C LYS A 261 -18.22 -29.11 -18.54
N ALA A 262 -18.90 -28.23 -17.82
CA ALA A 262 -18.84 -26.80 -18.11
C ALA A 262 -17.45 -26.19 -17.95
N ALA A 263 -16.62 -26.75 -17.07
CA ALA A 263 -15.29 -26.22 -16.86
C ALA A 263 -14.42 -26.33 -18.11
N PHE A 264 -14.77 -27.20 -19.02
CA PHE A 264 -14.02 -27.36 -20.27
C PHE A 264 -14.47 -26.42 -21.41
N VAL A 265 -15.49 -25.61 -21.17
CA VAL A 265 -15.99 -24.68 -22.18
C VAL A 265 -15.19 -23.41 -21.95
N LEU A 266 -14.24 -23.18 -22.83
CA LEU A 266 -13.36 -22.04 -22.70
C LEU A 266 -13.79 -20.76 -23.37
N PRO A 267 -13.45 -19.61 -22.74
CA PRO A 267 -13.79 -18.31 -23.31
C PRO A 267 -12.97 -18.24 -24.58
N LYS A 268 -13.52 -17.62 -25.61
CA LYS A 268 -12.86 -17.51 -26.90
C LYS A 268 -11.35 -17.23 -26.84
N PHE A 269 -10.92 -16.24 -26.06
CA PHE A 269 -9.50 -15.91 -26.01
C PHE A 269 -8.63 -17.00 -25.40
N VAL A 270 -9.23 -17.85 -24.56
CA VAL A 270 -8.51 -18.95 -23.93
C VAL A 270 -8.34 -20.11 -24.91
N SER A 271 -9.35 -20.41 -25.73
CA SER A 271 -9.26 -21.48 -26.71
C SER A 271 -8.13 -21.11 -27.66
N ASP A 272 -8.09 -19.85 -28.04
CA ASP A 272 -7.05 -19.35 -28.94
C ASP A 272 -5.65 -19.69 -28.50
N LEU A 273 -5.45 -19.89 -27.20
CA LEU A 273 -4.12 -20.22 -26.69
C LEU A 273 -3.70 -21.64 -27.02
N ILE A 274 -4.66 -22.54 -27.13
CA ILE A 274 -4.32 -23.91 -27.46
C ILE A 274 -4.47 -24.14 -28.96
N SER B 1 8.26 -11.75 0.63
CA SER B 1 7.33 -11.43 1.74
C SER B 1 7.04 -9.94 1.66
N GLU B 2 5.78 -9.57 1.47
CA GLU B 2 5.41 -8.15 1.42
C GLU B 2 4.35 -7.86 2.46
N LEU B 3 4.70 -7.99 3.72
CA LEU B 3 3.79 -7.71 4.84
C LEU B 3 4.21 -6.34 5.37
N TRP B 4 3.34 -5.35 5.24
CA TRP B 4 3.68 -3.99 5.67
C TRP B 4 2.63 -3.43 6.57
N TYR B 5 3.06 -2.65 7.55
CA TYR B 5 2.15 -2.01 8.46
C TYR B 5 2.20 -0.53 8.08
N THR B 6 1.05 0.05 7.74
CA THR B 6 0.98 1.44 7.38
C THR B 6 0.25 2.28 8.42
N GLU B 7 0.80 3.47 8.73
CA GLU B 7 0.12 4.36 9.65
C GLU B 7 -0.20 5.62 8.84
N LYS B 8 -1.49 5.85 8.61
CA LYS B 8 -1.92 7.04 7.89
C LYS B 8 -1.87 8.11 8.96
N GLN B 9 -0.74 8.79 9.04
CA GLN B 9 -0.54 9.86 10.00
C GLN B 9 -1.45 11.05 9.71
N THR B 10 -2.09 11.01 8.55
CA THR B 10 -3.00 12.03 8.05
C THR B 10 -3.83 11.19 7.05
N LYS B 11 -5.02 11.65 6.67
CA LYS B 11 -5.80 10.91 5.72
C LYS B 11 -5.02 10.80 4.40
N ASN B 12 -4.11 11.75 4.16
CA ASN B 12 -3.35 11.80 2.91
C ASN B 12 -1.86 11.55 2.96
N PHE B 13 -1.35 11.06 4.09
CA PHE B 13 0.08 10.85 4.20
C PHE B 13 0.38 9.91 5.35
N GLY B 14 1.43 9.11 5.20
CA GLY B 14 1.82 8.21 6.26
C GLY B 14 3.14 7.50 6.02
N ILE B 15 3.49 6.64 6.96
CA ILE B 15 4.70 5.86 6.86
C ILE B 15 4.31 4.39 6.78
N THR B 16 5.17 3.59 6.18
CA THR B 16 4.90 2.17 6.01
C THR B 16 6.17 1.40 6.37
N MET B 17 6.03 0.49 7.34
CA MET B 17 7.13 -0.35 7.87
C MET B 17 6.98 -1.81 7.42
N LYS B 18 8.08 -2.42 6.99
CA LYS B 18 8.04 -3.82 6.60
C LYS B 18 8.08 -4.68 7.87
N VAL B 19 7.09 -5.58 7.99
CA VAL B 19 6.93 -6.45 9.16
C VAL B 19 7.38 -7.89 8.89
N ASN B 20 8.12 -8.47 9.83
CA ASN B 20 8.58 -9.84 9.70
C ASN B 20 7.58 -10.83 10.27
N LYS B 21 6.89 -10.41 11.33
CA LYS B 21 5.89 -11.25 11.99
C LYS B 21 5.33 -10.42 13.14
N THR B 22 4.17 -10.82 13.63
CA THR B 22 3.56 -10.14 14.77
C THR B 22 3.98 -10.92 16.01
N LEU B 23 4.14 -10.19 17.11
CA LEU B 23 4.57 -10.80 18.36
C LEU B 23 3.37 -11.00 19.25
N HIS B 24 2.52 -10.00 19.30
CA HIS B 24 1.32 -10.10 20.11
C HIS B 24 0.29 -9.14 19.59
N THR B 25 -0.93 -9.63 19.45
CA THR B 25 -2.06 -8.89 18.94
C THR B 25 -3.18 -9.12 19.96
N GLU B 26 -3.70 -8.06 20.53
CA GLU B 26 -4.76 -8.21 21.49
C GLU B 26 -5.63 -6.97 21.64
N GLN B 27 -6.93 -7.17 21.77
CA GLN B 27 -7.87 -6.07 21.95
C GLN B 27 -8.07 -6.01 23.46
N THR B 28 -7.63 -4.92 24.02
CA THR B 28 -7.68 -4.64 25.44
C THR B 28 -8.99 -3.91 25.80
N GLU B 29 -9.26 -3.76 27.09
CA GLU B 29 -10.45 -3.06 27.61
C GLU B 29 -10.35 -1.59 27.17
N PHE B 30 -9.12 -1.16 26.95
CA PHE B 30 -8.80 0.21 26.60
C PHE B 30 -8.37 0.50 25.16
N GLN B 31 -7.63 -0.42 24.56
CA GLN B 31 -7.15 -0.16 23.21
C GLN B 31 -6.71 -1.41 22.50
N HIS B 32 -6.32 -1.25 21.24
CA HIS B 32 -5.85 -2.36 20.43
C HIS B 32 -4.34 -2.36 20.50
N LEU B 33 -3.81 -3.37 21.17
CA LEU B 33 -2.37 -3.57 21.38
C LEU B 33 -1.81 -4.46 20.25
N GLU B 34 -0.71 -4.05 19.65
CA GLU B 34 -0.07 -4.85 18.61
C GLU B 34 1.46 -4.75 18.70
N MET B 35 2.13 -5.78 19.23
CA MET B 35 3.59 -5.76 19.26
C MET B 35 3.95 -6.48 17.97
N VAL B 36 4.87 -5.91 17.21
CA VAL B 36 5.24 -6.43 15.92
C VAL B 36 6.75 -6.37 15.74
N GLU B 37 7.31 -7.28 14.96
CA GLU B 37 8.73 -7.22 14.72
C GLU B 37 8.97 -6.60 13.34
N THR B 38 9.53 -5.39 13.29
CA THR B 38 9.79 -4.77 12.01
C THR B 38 11.24 -5.00 11.62
N GLU B 39 11.50 -5.00 10.31
CA GLU B 39 12.84 -5.22 9.84
C GLU B 39 13.71 -4.01 10.05
N GLU B 40 13.12 -2.83 9.91
CA GLU B 40 13.86 -1.60 10.05
C GLU B 40 14.14 -1.14 11.47
N PHE B 41 13.12 -1.19 12.31
CA PHE B 41 13.27 -0.69 13.68
C PHE B 41 13.27 -1.68 14.82
N GLY B 42 13.26 -2.97 14.52
CA GLY B 42 13.19 -3.96 15.57
C GLY B 42 11.74 -4.05 16.03
N ASN B 43 11.50 -4.51 17.25
CA ASN B 43 10.14 -4.64 17.75
C ASN B 43 9.55 -3.28 17.88
N MET B 44 8.28 -3.15 17.50
CA MET B 44 7.59 -1.88 17.52
C MET B 44 6.22 -2.13 18.12
N LEU B 45 5.79 -1.25 19.00
CA LEU B 45 4.49 -1.36 19.65
C LEU B 45 3.54 -0.31 19.06
N PHE B 46 2.35 -0.76 18.65
CA PHE B 46 1.31 0.11 18.09
C PHE B 46 0.11 0.04 19.01
N LEU B 47 -0.51 1.18 19.26
CA LEU B 47 -1.71 1.24 20.09
C LEU B 47 -2.74 1.96 19.24
N ASP B 48 -3.85 1.29 18.97
CA ASP B 48 -4.91 1.82 18.13
C ASP B 48 -4.38 2.25 16.75
N GLY B 49 -3.54 1.39 16.19
CA GLY B 49 -2.99 1.67 14.87
C GLY B 49 -1.94 2.75 14.76
N MET B 50 -1.53 3.33 15.88
CA MET B 50 -0.52 4.37 15.87
C MET B 50 0.78 3.89 16.56
N VAL B 51 1.92 4.25 16.00
CA VAL B 51 3.22 3.88 16.53
C VAL B 51 3.46 4.45 17.93
N MET B 52 3.85 3.61 18.88
CA MET B 52 4.15 4.06 20.24
C MET B 52 5.67 4.18 20.40
N THR B 53 6.41 3.09 20.24
CA THR B 53 7.88 3.11 20.27
C THR B 53 8.36 1.95 19.45
N SER B 54 9.67 1.89 19.25
CA SER B 54 10.33 0.80 18.54
C SER B 54 11.70 0.73 19.21
N GLU B 55 12.35 -0.42 19.11
CA GLU B 55 13.66 -0.58 19.72
C GLU B 55 14.69 0.38 19.13
N LYS B 56 14.64 0.60 17.83
CA LYS B 56 15.61 1.48 17.21
C LYS B 56 15.54 2.95 17.55
N ASP B 57 14.37 3.55 17.66
CA ASP B 57 14.36 4.97 17.93
C ASP B 57 13.71 5.47 19.19
N GLU B 58 13.38 4.55 20.08
CA GLU B 58 12.72 4.90 21.31
C GLU B 58 13.46 5.90 22.17
N PHE B 59 14.78 5.92 22.09
CA PHE B 59 15.59 6.80 22.93
C PHE B 59 15.35 8.27 22.81
N VAL B 60 14.93 8.76 21.65
CA VAL B 60 14.69 10.19 21.50
C VAL B 60 13.58 10.66 22.43
N TYR B 61 12.40 10.10 22.25
CA TYR B 61 11.28 10.50 23.09
C TYR B 61 11.56 10.33 24.57
N HIS B 62 12.04 9.14 24.95
CA HIS B 62 12.30 8.84 26.33
C HIS B 62 13.31 9.78 26.98
N GLU B 63 14.40 10.06 26.27
CA GLU B 63 15.40 10.97 26.82
C GLU B 63 14.97 12.42 26.90
N MET B 64 14.33 12.94 25.87
CA MET B 64 13.93 14.34 25.86
C MET B 64 12.77 14.66 26.78
N VAL B 65 11.88 13.69 27.00
CA VAL B 65 10.76 13.90 27.92
C VAL B 65 11.28 13.89 29.35
N ALA B 66 12.27 13.05 29.62
CA ALA B 66 12.80 12.94 30.97
C ALA B 66 13.86 13.93 31.37
N HIS B 67 14.95 13.95 30.64
CA HIS B 67 16.08 14.80 30.98
C HIS B 67 15.94 16.32 30.93
N VAL B 68 15.09 16.85 30.04
CA VAL B 68 14.97 18.29 30.02
C VAL B 68 14.35 18.78 31.34
N PRO B 69 13.22 18.20 31.78
CA PRO B 69 12.67 18.71 33.05
C PRO B 69 13.48 18.31 34.30
N LEU B 70 14.08 17.13 34.29
CA LEU B 70 14.87 16.71 35.44
C LEU B 70 16.09 17.62 35.66
N PHE B 71 16.84 17.93 34.61
CA PHE B 71 18.00 18.81 34.76
C PHE B 71 17.60 20.27 34.99
N THR B 72 16.40 20.65 34.54
CA THR B 72 15.87 22.00 34.75
C THR B 72 15.60 22.17 36.25
N HIS B 73 15.18 21.08 36.90
CA HIS B 73 14.89 21.08 38.33
C HIS B 73 16.22 20.95 39.07
N PRO B 74 16.49 21.84 40.07
CA PRO B 74 17.73 21.77 40.82
C PRO B 74 17.96 20.46 41.57
N ASN B 75 16.87 19.79 41.91
CA ASN B 75 16.99 18.54 42.64
C ASN B 75 15.68 17.78 42.64
N PRO B 76 15.38 17.03 41.56
CA PRO B 76 14.14 16.25 41.46
C PRO B 76 14.22 15.00 42.35
N GLU B 77 13.21 14.77 43.18
CA GLU B 77 13.22 13.60 44.06
C GLU B 77 12.00 12.69 43.96
N HIS B 78 10.84 13.27 43.68
CA HIS B 78 9.59 12.55 43.56
C HIS B 78 9.04 12.92 42.19
N VAL B 79 9.02 11.92 41.31
CA VAL B 79 8.60 12.06 39.92
C VAL B 79 7.42 11.13 39.54
N LEU B 80 6.52 11.65 38.72
CA LEU B 80 5.35 10.89 38.26
C LEU B 80 5.32 10.81 36.74
N VAL B 81 5.09 9.60 36.22
CA VAL B 81 4.97 9.39 34.79
C VAL B 81 3.53 8.87 34.59
N VAL B 82 2.72 9.60 33.82
CA VAL B 82 1.34 9.18 33.55
C VAL B 82 1.26 8.69 32.09
N GLY B 83 0.90 7.41 31.93
CA GLY B 83 0.80 6.80 30.62
C GLY B 83 2.09 6.27 30.00
N GLY B 84 3.09 5.95 30.81
CA GLY B 84 4.35 5.48 30.26
C GLY B 84 4.49 3.98 30.37
N GLY B 85 3.46 3.28 29.89
CA GLY B 85 3.41 1.84 29.94
C GLY B 85 4.66 1.09 29.54
N ASP B 86 5.32 1.53 28.47
CA ASP B 86 6.54 0.88 27.99
C ASP B 86 7.74 1.02 28.96
N GLY B 87 7.62 1.89 29.94
CA GLY B 87 8.68 2.08 30.92
C GLY B 87 9.93 2.81 30.50
N GLY B 88 9.92 3.37 29.30
CA GLY B 88 11.08 4.08 28.78
C GLY B 88 11.47 5.36 29.50
N VAL B 89 10.46 6.14 29.90
CA VAL B 89 10.75 7.39 30.62
C VAL B 89 11.28 7.02 32.00
N ILE B 90 10.74 5.96 32.59
CA ILE B 90 11.17 5.51 33.90
C ILE B 90 12.63 5.11 33.82
N ARG B 91 12.99 4.35 32.79
CA ARG B 91 14.37 3.93 32.59
C ARG B 91 15.34 5.11 32.63
N GLU B 92 14.92 6.22 32.03
CA GLU B 92 15.71 7.46 31.98
C GLU B 92 15.73 8.23 33.29
N ILE B 93 14.59 8.25 33.98
CA ILE B 93 14.47 8.92 35.26
C ILE B 93 15.46 8.31 36.24
N LEU B 94 15.59 6.98 36.22
CA LEU B 94 16.48 6.27 37.13
C LEU B 94 17.98 6.59 36.95
N LYS B 95 18.33 7.29 35.88
CA LYS B 95 19.73 7.68 35.67
C LYS B 95 20.09 8.88 36.56
N HIS B 96 19.07 9.45 37.23
CA HIS B 96 19.24 10.59 38.13
C HIS B 96 19.23 10.09 39.58
N PRO B 97 20.40 10.15 40.26
CA PRO B 97 20.54 9.71 41.66
C PRO B 97 19.61 10.47 42.59
N SER B 98 19.34 11.73 42.31
CA SER B 98 18.48 12.53 43.18
C SER B 98 17.07 11.99 43.32
N VAL B 99 16.64 11.18 42.35
CA VAL B 99 15.28 10.64 42.39
C VAL B 99 15.14 9.53 43.43
N LYS B 100 14.32 9.82 44.43
CA LYS B 100 14.07 8.87 45.53
C LYS B 100 13.05 7.82 45.09
N LYS B 101 12.01 8.30 44.41
CA LYS B 101 10.94 7.43 43.94
C LYS B 101 10.28 7.95 42.67
N ALA B 102 10.10 7.04 41.71
CA ALA B 102 9.47 7.36 40.43
C ALA B 102 8.21 6.52 40.32
N THR B 103 7.07 7.19 40.31
CA THR B 103 5.78 6.51 40.20
C THR B 103 5.34 6.43 38.74
N LEU B 104 4.86 5.26 38.30
CA LEU B 104 4.36 5.09 36.93
C LEU B 104 2.90 4.68 37.04
N VAL B 105 2.00 5.42 36.40
CA VAL B 105 0.58 5.09 36.43
C VAL B 105 0.09 4.93 34.98
N ASP B 106 -0.45 3.77 34.63
CA ASP B 106 -0.95 3.50 33.28
C ASP B 106 -2.22 2.66 33.43
N ILE B 107 -3.29 3.00 32.72
CA ILE B 107 -4.56 2.24 32.82
C ILE B 107 -4.47 0.82 32.28
N ASP B 108 -3.64 0.62 31.27
CA ASP B 108 -3.52 -0.70 30.64
C ASP B 108 -2.31 -1.53 31.14
N GLY B 109 -2.60 -2.52 31.97
CA GLY B 109 -1.56 -3.37 32.50
C GLY B 109 -0.95 -4.26 31.44
N LYS B 110 -1.70 -4.49 30.37
CA LYS B 110 -1.19 -5.33 29.30
C LYS B 110 -0.11 -4.65 28.47
N VAL B 111 -0.07 -3.33 28.49
CA VAL B 111 0.97 -2.61 27.78
C VAL B 111 2.27 -2.86 28.58
N ILE B 112 2.16 -2.76 29.91
CA ILE B 112 3.31 -2.99 30.76
C ILE B 112 3.80 -4.44 30.60
N GLU B 113 2.86 -5.37 30.61
CA GLU B 113 3.16 -6.78 30.47
C GLU B 113 3.90 -7.13 29.19
N TYR B 114 3.36 -6.72 28.05
CA TYR B 114 4.00 -7.01 26.78
C TYR B 114 5.21 -6.17 26.43
N SER B 115 5.38 -5.05 27.12
CA SER B 115 6.57 -4.23 26.91
C SER B 115 7.72 -4.92 27.65
N LYS B 116 7.42 -5.48 28.83
CA LYS B 116 8.42 -6.17 29.61
C LYS B 116 8.88 -7.38 28.81
N LYS B 117 7.93 -8.03 28.15
CA LYS B 117 8.24 -9.23 27.39
C LYS B 117 8.92 -9.01 26.05
N PHE B 118 8.48 -8.02 25.28
CA PHE B 118 9.04 -7.77 23.95
C PHE B 118 9.90 -6.55 23.76
N LEU B 119 9.89 -5.65 24.73
CA LEU B 119 10.70 -4.44 24.68
C LEU B 119 11.50 -4.41 25.98
N PRO B 120 12.26 -5.48 26.27
CA PRO B 120 13.05 -5.51 27.51
C PRO B 120 14.02 -4.35 27.67
N SER B 121 14.59 -3.88 26.56
CA SER B 121 15.55 -2.79 26.60
C SER B 121 14.88 -1.46 26.95
N ILE B 122 13.56 -1.44 26.98
CA ILE B 122 12.83 -0.24 27.29
C ILE B 122 12.12 -0.41 28.63
N ALA B 123 11.49 -1.56 28.85
CA ALA B 123 10.74 -1.83 30.08
C ALA B 123 11.48 -2.55 31.23
N GLY B 124 12.73 -2.92 31.00
CA GLY B 124 13.50 -3.66 31.99
C GLY B 124 13.79 -3.08 33.36
N LYS B 125 13.53 -1.79 33.55
CA LYS B 125 13.78 -1.14 34.83
C LYS B 125 12.54 -0.95 35.69
N LEU B 126 11.37 -1.33 35.19
CA LEU B 126 10.14 -1.22 35.97
C LEU B 126 10.12 -2.09 37.23
N ASP B 127 11.02 -3.07 37.30
CA ASP B 127 11.15 -3.98 38.45
C ASP B 127 12.11 -3.40 39.53
N ASP B 128 12.62 -2.20 39.29
CA ASP B 128 13.53 -1.50 40.20
C ASP B 128 12.81 -1.01 41.46
N PRO B 129 13.47 -1.14 42.63
CA PRO B 129 12.96 -0.73 43.94
C PRO B 129 12.54 0.73 44.05
N ARG B 130 13.18 1.59 43.27
CA ARG B 130 12.85 3.00 43.25
C ARG B 130 11.60 3.30 42.43
N VAL B 131 11.10 2.31 41.70
CA VAL B 131 9.90 2.48 40.89
C VAL B 131 8.65 1.91 41.55
N ASP B 132 7.54 2.63 41.42
CA ASP B 132 6.25 2.20 41.97
C ASP B 132 5.28 2.20 40.82
N VAL B 133 5.04 1.01 40.24
CA VAL B 133 4.12 0.85 39.11
C VAL B 133 2.68 0.64 39.57
N GLN B 134 1.77 1.45 39.06
CA GLN B 134 0.38 1.34 39.39
C GLN B 134 -0.48 1.28 38.14
N VAL B 135 -1.29 0.24 38.01
CA VAL B 135 -2.18 0.13 36.86
C VAL B 135 -3.48 0.80 37.32
N ASP B 136 -3.60 2.07 36.97
CA ASP B 136 -4.75 2.84 37.35
C ASP B 136 -4.88 4.02 36.40
N ASP B 137 -6.01 4.73 36.48
CA ASP B 137 -6.30 5.87 35.63
C ASP B 137 -5.14 6.81 35.25
N GLY B 138 -4.65 7.62 36.18
CA GLY B 138 -3.56 8.51 35.76
C GLY B 138 -4.08 9.92 35.85
N PHE B 139 -5.19 10.19 35.17
CA PHE B 139 -5.83 11.49 35.27
C PHE B 139 -6.51 11.53 36.65
N MET B 140 -7.11 10.41 37.07
CA MET B 140 -7.75 10.30 38.40
C MET B 140 -6.64 10.44 39.44
N HIS B 141 -5.48 9.84 39.15
CA HIS B 141 -4.34 9.92 40.04
C HIS B 141 -3.84 11.35 40.22
N ILE B 142 -3.79 12.12 39.14
CA ILE B 142 -3.33 13.50 39.21
C ILE B 142 -4.39 14.32 39.94
N ALA B 143 -5.66 14.03 39.66
CA ALA B 143 -6.77 14.73 40.33
C ALA B 143 -6.68 14.55 41.85
N LYS B 144 -6.23 13.39 42.30
CA LYS B 144 -6.13 13.09 43.72
C LYS B 144 -4.77 13.34 44.36
N SER B 145 -3.89 14.08 43.69
CA SER B 145 -2.58 14.39 44.24
C SER B 145 -2.52 15.85 44.65
N GLU B 146 -1.78 16.16 45.71
CA GLU B 146 -1.65 17.53 46.18
C GLU B 146 -0.19 17.67 46.56
N ASN B 147 0.46 18.62 45.93
CA ASN B 147 1.88 18.85 46.08
C ASN B 147 2.71 17.68 46.59
N GLN B 148 2.81 16.69 45.71
CA GLN B 148 3.53 15.46 45.93
C GLN B 148 4.74 15.28 45.03
N TYR B 149 4.66 15.86 43.83
CA TYR B 149 5.72 15.69 42.84
C TYR B 149 6.51 16.92 42.41
N ASP B 150 7.79 16.69 42.18
CA ASP B 150 8.73 17.68 41.74
C ASP B 150 8.58 17.83 40.22
N VAL B 151 8.51 16.68 39.54
CA VAL B 151 8.36 16.63 38.08
C VAL B 151 7.27 15.61 37.71
N ILE B 152 6.40 16.00 36.80
CA ILE B 152 5.34 15.13 36.33
C ILE B 152 5.40 15.10 34.81
N MET B 153 5.67 13.93 34.24
CA MET B 153 5.66 13.82 32.78
C MET B 153 4.32 13.15 32.36
N VAL B 154 3.56 13.87 31.55
CA VAL B 154 2.25 13.44 31.10
C VAL B 154 2.20 13.01 29.64
N ASP B 155 1.41 11.98 29.38
CA ASP B 155 1.21 11.41 28.06
C ASP B 155 0.24 12.22 27.19
N SER B 156 -1.03 12.21 27.56
CA SER B 156 -2.05 12.94 26.82
C SER B 156 -2.35 14.21 27.57
N THR B 157 -2.66 15.26 26.83
CA THR B 157 -2.96 16.53 27.43
C THR B 157 -4.49 16.73 27.59
N GLU B 158 -5.29 15.74 27.17
CA GLU B 158 -6.75 15.79 27.28
C GLU B 158 -7.30 14.65 28.11
N PRO B 159 -7.72 14.95 29.35
CA PRO B 159 -8.27 13.93 30.24
C PRO B 159 -9.58 13.26 29.77
N VAL B 160 -9.65 11.94 29.96
CA VAL B 160 -10.83 11.16 29.59
C VAL B 160 -11.21 10.38 30.85
N GLY B 161 -12.51 10.19 31.05
CA GLY B 161 -12.99 9.49 32.24
C GLY B 161 -13.33 10.58 33.23
N PRO B 162 -13.17 10.35 34.53
CA PRO B 162 -13.49 11.39 35.51
C PRO B 162 -12.72 12.74 35.37
N ALA B 163 -13.37 13.68 34.65
CA ALA B 163 -12.84 15.03 34.43
C ALA B 163 -13.24 15.87 35.66
N VAL B 164 -12.67 15.48 36.80
CA VAL B 164 -12.86 16.14 38.09
C VAL B 164 -11.99 17.39 38.09
N ASN B 165 -11.13 17.49 37.08
CA ASN B 165 -10.23 18.62 36.90
C ASN B 165 -11.15 19.75 36.42
N LEU B 166 -11.93 20.32 37.33
CA LEU B 166 -12.86 21.40 36.99
C LEU B 166 -12.27 22.76 37.27
N PHE B 167 -10.97 22.78 37.55
CA PHE B 167 -10.26 24.02 37.80
C PHE B 167 -10.43 24.74 36.46
N THR B 168 -10.24 26.07 36.40
CA THR B 168 -10.38 26.74 35.10
C THR B 168 -9.35 26.02 34.19
N LYS B 169 -9.82 25.62 33.00
CA LYS B 169 -9.01 24.84 32.04
C LYS B 169 -8.39 23.69 32.88
N GLY B 170 -9.26 23.12 33.71
CA GLY B 170 -8.94 22.04 34.62
C GLY B 170 -7.59 21.35 34.62
N PHE B 171 -7.26 20.64 33.54
CA PHE B 171 -6.02 19.86 33.56
C PHE B 171 -4.76 20.50 34.08
N TYR B 172 -4.36 21.63 33.51
CA TYR B 172 -3.12 22.27 33.94
C TYR B 172 -3.13 22.73 35.40
N ALA B 173 -4.26 23.25 35.85
CA ALA B 173 -4.40 23.64 37.24
C ALA B 173 -4.39 22.37 38.12
N GLY B 174 -4.92 21.27 37.56
CA GLY B 174 -4.92 19.99 38.27
C GLY B 174 -3.49 19.52 38.48
N ILE B 175 -2.65 19.73 37.46
CA ILE B 175 -1.25 19.36 37.50
C ILE B 175 -0.49 20.28 38.46
N ALA B 176 -0.80 21.57 38.43
CA ALA B 176 -0.14 22.51 39.32
C ALA B 176 -0.41 22.07 40.75
N LYS B 177 -1.65 21.68 41.02
CA LYS B 177 -2.04 21.20 42.35
C LYS B 177 -1.25 19.98 42.79
N ALA B 178 -1.01 19.04 41.88
CA ALA B 178 -0.25 17.83 42.20
C ALA B 178 1.24 18.08 42.36
N LEU B 179 1.73 19.13 41.70
CA LEU B 179 3.14 19.49 41.76
C LEU B 179 3.46 20.25 43.03
N LYS B 180 4.71 20.17 43.47
CA LYS B 180 5.15 20.92 44.64
C LYS B 180 5.28 22.39 44.19
N GLU B 181 5.48 23.30 45.14
CA GLU B 181 5.57 24.74 44.85
C GLU B 181 6.55 25.17 43.73
N ASP B 182 7.57 24.38 43.48
CA ASP B 182 8.52 24.70 42.44
C ASP B 182 8.58 23.55 41.43
N GLY B 183 7.43 22.88 41.27
CA GLY B 183 7.34 21.78 40.35
C GLY B 183 7.43 22.13 38.88
N ILE B 184 7.58 21.10 38.08
CA ILE B 184 7.71 21.19 36.64
C ILE B 184 6.91 20.06 36.03
N PHE B 185 6.28 20.31 34.88
CA PHE B 185 5.57 19.25 34.20
C PHE B 185 5.88 19.36 32.70
N VAL B 186 5.84 18.23 32.00
CA VAL B 186 6.10 18.17 30.56
C VAL B 186 5.00 17.35 29.92
N ALA B 187 4.58 17.72 28.72
CA ALA B 187 3.56 16.97 27.99
C ALA B 187 3.93 17.08 26.50
N GLN B 188 3.94 15.93 25.81
CA GLN B 188 4.24 15.94 24.39
C GLN B 188 3.08 16.70 23.79
N THR B 189 3.36 17.44 22.73
CA THR B 189 2.30 18.21 22.16
C THR B 189 2.34 18.19 20.62
N ASP B 190 2.48 16.98 20.11
CA ASP B 190 2.47 16.70 18.68
C ASP B 190 3.45 17.41 17.78
N ASN B 191 3.13 17.45 16.50
CA ASN B 191 4.00 18.07 15.53
C ASN B 191 3.37 19.35 15.01
N PRO B 192 4.19 20.28 14.49
CA PRO B 192 3.74 21.55 13.96
C PRO B 192 3.28 21.54 12.51
N TRP B 193 3.40 20.41 11.81
CA TRP B 193 3.00 20.35 10.41
C TRP B 193 1.54 19.97 10.15
N PHE B 194 1.02 19.01 10.92
CA PHE B 194 -0.34 18.53 10.67
C PHE B 194 -1.35 18.88 11.77
N THR B 195 -0.87 19.09 12.99
CA THR B 195 -1.79 19.47 14.06
C THR B 195 -1.21 20.70 14.78
N PRO B 196 -0.92 21.79 14.02
CA PRO B 196 -0.36 22.96 14.66
C PRO B 196 -1.31 23.63 15.66
N GLU B 197 -2.61 23.49 15.48
CA GLU B 197 -3.58 24.08 16.40
C GLU B 197 -3.31 23.68 17.84
N LEU B 198 -3.01 22.40 18.05
CA LEU B 198 -2.76 21.83 19.38
C LEU B 198 -1.62 22.53 20.11
N ILE B 199 -0.56 22.88 19.39
CA ILE B 199 0.56 23.57 19.98
C ILE B 199 0.15 24.97 20.45
N THR B 200 -0.64 25.67 19.64
CA THR B 200 -1.12 27.00 19.98
C THR B 200 -1.98 26.97 21.25
N ASN B 201 -2.99 26.11 21.22
CA ASN B 201 -3.93 25.95 22.33
C ASN B 201 -3.30 25.54 23.65
N VAL B 202 -2.50 24.48 23.64
CA VAL B 202 -1.85 23.99 24.86
C VAL B 202 -0.88 25.04 25.42
N GLN B 203 -0.09 25.62 24.52
CA GLN B 203 0.87 26.64 24.90
C GLN B 203 0.17 27.81 25.63
N ARG B 204 -0.98 28.24 25.09
CA ARG B 204 -1.78 29.33 25.68
C ARG B 204 -2.44 28.91 27.02
N ASP B 205 -3.04 27.73 27.03
CA ASP B 205 -3.69 27.22 28.24
C ASP B 205 -2.72 26.94 29.39
N VAL B 206 -1.52 26.46 29.07
CA VAL B 206 -0.53 26.16 30.08
C VAL B 206 0.01 27.48 30.67
N LYS B 207 0.17 28.46 29.80
CA LYS B 207 0.69 29.76 30.20
C LYS B 207 -0.26 30.45 31.18
N GLU B 208 -1.55 30.14 31.06
CA GLU B 208 -2.58 30.68 31.94
C GLU B 208 -2.33 30.29 33.40
N ILE B 209 -1.59 29.22 33.63
CA ILE B 209 -1.35 28.82 34.99
C ILE B 209 0.10 28.70 35.44
N PHE B 210 1.06 28.56 34.52
CA PHE B 210 2.47 28.47 34.89
C PHE B 210 3.19 29.73 34.41
N PRO B 211 4.00 30.35 35.29
CA PRO B 211 4.74 31.56 34.88
C PRO B 211 5.70 31.27 33.73
N ILE B 212 6.23 30.05 33.69
CA ILE B 212 7.15 29.64 32.64
C ILE B 212 6.55 28.55 31.75
N THR B 213 6.34 28.89 30.48
CA THR B 213 5.79 27.95 29.52
C THR B 213 6.62 28.03 28.24
N LYS B 214 7.44 27.01 28.01
CA LYS B 214 8.28 26.95 26.82
C LYS B 214 7.87 25.73 25.96
N LEU B 215 8.41 25.67 24.75
CA LEU B 215 8.14 24.54 23.83
C LEU B 215 9.48 24.08 23.28
N TYR B 216 9.78 22.79 23.39
CA TYR B 216 11.02 22.29 22.83
C TYR B 216 10.75 21.24 21.79
N THR B 217 11.80 20.93 21.03
CA THR B 217 11.76 20.05 19.88
C THR B 217 12.68 18.83 19.92
N ALA B 218 12.37 17.83 19.10
CA ALA B 218 13.17 16.62 18.96
C ALA B 218 12.77 15.86 17.67
N ASN B 219 13.72 15.15 17.08
CA ASN B 219 13.51 14.35 15.88
C ASN B 219 13.16 12.90 16.19
N ILE B 220 11.92 12.51 15.93
CA ILE B 220 11.52 11.12 16.14
C ILE B 220 11.05 10.67 14.76
N PRO B 221 11.89 9.93 14.02
CA PRO B 221 11.60 9.43 12.66
C PRO B 221 10.34 8.59 12.43
N THR B 222 9.82 8.01 13.50
CA THR B 222 8.65 7.16 13.45
C THR B 222 7.38 7.90 13.82
N TYR B 223 7.49 9.19 14.14
CA TYR B 223 6.32 9.99 14.50
C TYR B 223 6.02 10.94 13.37
N PRO B 224 4.74 11.37 13.25
CA PRO B 224 4.33 12.30 12.20
C PRO B 224 5.25 13.51 11.96
N SER B 225 5.73 13.63 10.73
CA SER B 225 6.60 14.70 10.26
C SER B 225 8.06 14.65 10.66
N GLY B 226 8.41 13.77 11.60
CA GLY B 226 9.79 13.66 12.00
C GLY B 226 10.21 14.71 13.02
N LEU B 227 9.29 15.60 13.36
CA LEU B 227 9.59 16.64 14.34
C LEU B 227 8.50 16.60 15.39
N TRP B 228 8.87 16.32 16.63
CA TRP B 228 7.91 16.24 17.72
C TRP B 228 8.11 17.44 18.61
N THR B 229 7.08 17.75 19.35
CA THR B 229 7.05 18.93 20.18
C THR B 229 6.72 18.59 21.63
N PHE B 230 7.31 19.34 22.56
CA PHE B 230 7.08 19.13 23.99
C PHE B 230 6.84 20.46 24.69
N THR B 231 5.79 20.50 25.52
CA THR B 231 5.42 21.67 26.29
C THR B 231 5.90 21.50 27.71
N ILE B 232 6.62 22.50 28.22
CA ILE B 232 7.13 22.47 29.60
C ILE B 232 6.52 23.62 30.38
N GLY B 233 5.84 23.26 31.47
CA GLY B 233 5.22 24.23 32.34
C GLY B 233 6.00 24.15 33.63
N SER B 234 6.57 25.27 34.02
CA SER B 234 7.38 25.33 35.20
C SER B 234 6.85 26.42 36.10
N LYS B 235 6.90 26.18 37.40
CA LYS B 235 6.41 27.12 38.37
C LYS B 235 7.50 28.08 38.80
N LYS B 236 8.77 27.66 38.67
CA LYS B 236 9.87 28.52 39.11
C LYS B 236 11.17 28.43 38.31
N TYR B 237 11.61 27.24 37.95
CA TYR B 237 12.87 27.11 37.22
C TYR B 237 12.77 27.19 35.70
N ASP B 238 13.67 27.96 35.10
CA ASP B 238 13.73 28.16 33.66
C ASP B 238 14.65 27.09 33.09
N PRO B 239 14.15 26.32 32.12
CA PRO B 239 14.97 25.26 31.51
C PRO B 239 16.19 25.80 30.74
N LEU B 240 16.16 27.08 30.41
CA LEU B 240 17.25 27.73 29.68
C LEU B 240 18.24 28.44 30.61
N ALA B 241 18.00 28.32 31.90
CA ALA B 241 18.86 28.94 32.87
C ALA B 241 19.64 27.88 33.66
N VAL B 242 19.67 26.65 33.18
CA VAL B 242 20.36 25.60 33.91
C VAL B 242 21.84 25.90 34.04
N GLU B 243 22.35 25.74 35.25
CA GLU B 243 23.76 25.97 35.53
C GLU B 243 24.58 24.84 34.91
N ASP B 244 25.73 25.18 34.39
CA ASP B 244 26.59 24.19 33.78
C ASP B 244 27.01 23.08 34.79
N SER B 245 27.30 23.48 36.02
CA SER B 245 27.72 22.57 37.07
C SER B 245 26.61 21.60 37.46
N ARG B 246 25.38 21.92 37.07
CA ARG B 246 24.20 21.12 37.38
C ARG B 246 24.24 19.75 36.68
N PHE B 247 24.80 19.74 35.47
CA PHE B 247 24.88 18.50 34.69
C PHE B 247 25.94 17.57 35.25
N PHE B 248 25.75 16.28 34.99
CA PHE B 248 26.69 15.24 35.39
C PHE B 248 26.66 14.21 34.28
N ASP B 249 27.71 13.39 34.17
CA ASP B 249 27.77 12.37 33.13
C ASP B 249 26.59 11.40 33.23
N ILE B 250 25.93 11.21 32.11
CA ILE B 250 24.77 10.36 32.05
C ILE B 250 24.84 9.73 30.66
N GLU B 251 24.48 8.46 30.59
CA GLU B 251 24.53 7.77 29.31
C GLU B 251 23.28 7.99 28.51
N THR B 252 23.43 8.62 27.35
CA THR B 252 22.32 8.92 26.45
C THR B 252 22.78 8.80 25.00
N LYS B 253 21.83 8.71 24.08
CA LYS B 253 22.13 8.58 22.65
C LYS B 253 21.62 9.78 21.84
N TYR B 254 20.89 10.67 22.50
CA TYR B 254 20.35 11.83 21.84
C TYR B 254 20.62 13.07 22.69
N TYR B 255 20.03 13.11 23.86
CA TYR B 255 20.15 14.22 24.79
C TYR B 255 21.59 14.57 25.11
N THR B 256 21.81 15.87 25.27
CA THR B 256 23.11 16.47 25.53
C THR B 256 22.80 17.75 26.26
N LYS B 257 23.74 18.26 27.05
CA LYS B 257 23.51 19.49 27.78
C LYS B 257 23.27 20.64 26.80
N ASP B 258 23.89 20.54 25.63
CA ASP B 258 23.72 21.54 24.59
C ASP B 258 22.40 21.35 23.89
N ILE B 259 22.04 20.09 23.62
CA ILE B 259 20.74 19.79 23.00
C ILE B 259 19.66 20.32 23.92
N HIS B 260 19.93 20.27 25.22
CA HIS B 260 19.01 20.76 26.23
C HIS B 260 18.56 22.17 25.91
N LYS B 261 19.50 23.04 25.56
CA LYS B 261 19.15 24.41 25.23
C LYS B 261 18.74 24.57 23.79
N ALA B 262 19.45 23.90 22.88
CA ALA B 262 19.15 24.00 21.45
C ALA B 262 17.73 23.54 21.10
N ALA B 263 17.18 22.60 21.85
CA ALA B 263 15.84 22.11 21.55
C ALA B 263 14.76 23.17 21.67
N PHE B 264 15.08 24.28 22.36
CA PHE B 264 14.14 25.36 22.55
C PHE B 264 14.21 26.44 21.46
N VAL B 265 15.18 26.30 20.55
CA VAL B 265 15.34 27.23 19.44
C VAL B 265 14.42 26.71 18.33
N LEU B 266 13.28 27.35 18.21
CA LEU B 266 12.29 26.95 17.24
C LEU B 266 12.42 27.53 15.84
N PRO B 267 12.07 26.73 14.82
CA PRO B 267 12.13 27.20 13.43
C PRO B 267 11.07 28.30 13.38
N LYS B 268 11.30 29.30 12.55
CA LYS B 268 10.39 30.43 12.42
C LYS B 268 8.90 30.08 12.39
N PHE B 269 8.51 29.12 11.57
CA PHE B 269 7.09 28.79 11.47
C PHE B 269 6.53 28.15 12.73
N VAL B 270 7.40 27.59 13.56
CA VAL B 270 6.96 26.95 14.82
C VAL B 270 6.79 28.03 15.90
N SER B 271 7.66 29.05 15.92
CA SER B 271 7.52 30.13 16.89
C SER B 271 6.18 30.80 16.63
N ASP B 272 5.87 30.98 15.35
CA ASP B 272 4.64 31.61 14.93
C ASP B 272 3.40 30.98 15.53
N LEU B 273 3.50 29.71 15.90
CA LEU B 273 2.35 29.01 16.49
C LEU B 273 2.03 29.43 17.92
N ILE B 274 3.05 29.85 18.67
CA ILE B 274 2.85 30.29 20.03
C ILE B 274 2.76 31.83 20.10
N SER C 1 -11.13 7.26 -3.85
CA SER C 1 -9.92 7.33 -4.69
C SER C 1 -8.74 6.94 -3.81
N GLU C 2 -8.07 5.84 -4.15
CA GLU C 2 -6.93 5.42 -3.35
C GLU C 2 -5.69 5.36 -4.23
N LEU C 3 -5.29 6.52 -4.74
CA LEU C 3 -4.09 6.62 -5.57
C LEU C 3 -2.98 7.14 -4.63
N TRP C 4 -1.97 6.33 -4.39
CA TRP C 4 -0.88 6.71 -3.49
C TRP C 4 0.46 6.52 -4.13
N TYR C 5 1.37 7.40 -3.78
CA TYR C 5 2.73 7.34 -4.29
C TYR C 5 3.56 6.99 -3.07
N THR C 6 4.31 5.89 -3.16
CA THR C 6 5.14 5.43 -2.06
C THR C 6 6.62 5.54 -2.35
N GLU C 7 7.40 6.02 -1.38
CA GLU C 7 8.83 6.06 -1.55
C GLU C 7 9.42 5.15 -0.48
N LYS C 8 10.02 4.05 -0.93
CA LYS C 8 10.68 3.12 -0.01
C LYS C 8 12.03 3.79 0.25
N GLN C 9 12.09 4.57 1.30
CA GLN C 9 13.30 5.29 1.68
C GLN C 9 14.37 4.32 2.12
N THR C 10 13.96 3.07 2.30
CA THR C 10 14.80 1.97 2.74
C THR C 10 14.03 0.77 2.17
N LYS C 11 14.66 -0.38 2.00
CA LYS C 11 13.93 -1.55 1.50
C LYS C 11 12.80 -1.92 2.45
N ASN C 12 12.94 -1.51 3.72
CA ASN C 12 11.97 -1.84 4.77
C ASN C 12 11.19 -0.69 5.40
N PHE C 13 11.25 0.49 4.82
CA PHE C 13 10.55 1.62 5.42
C PHE C 13 10.38 2.72 4.40
N GLY C 14 9.29 3.45 4.51
CA GLY C 14 9.03 4.54 3.59
C GLY C 14 7.83 5.38 3.96
N ILE C 15 7.54 6.35 3.12
CA ILE C 15 6.43 7.24 3.33
C ILE C 15 5.47 7.04 2.16
N THR C 16 4.21 7.36 2.37
CA THR C 16 3.23 7.20 1.32
C THR C 16 2.32 8.45 1.30
N MET C 17 2.26 9.09 0.13
CA MET C 17 1.48 10.32 -0.10
C MET C 17 0.24 10.04 -0.96
N LYS C 18 -0.91 10.60 -0.61
CA LYS C 18 -2.12 10.43 -1.42
C LYS C 18 -2.05 11.44 -2.56
N VAL C 19 -2.21 10.94 -3.78
CA VAL C 19 -2.12 11.74 -4.98
C VAL C 19 -3.50 11.99 -5.59
N ASN C 20 -3.71 13.21 -6.07
CA ASN C 20 -4.99 13.57 -6.67
C ASN C 20 -4.94 13.38 -8.15
N LYS C 21 -3.78 13.62 -8.73
CA LYS C 21 -3.57 13.45 -10.16
C LYS C 21 -2.10 13.75 -10.48
N THR C 22 -1.64 13.27 -11.61
CA THR C 22 -0.27 13.57 -12.01
C THR C 22 -0.36 14.80 -12.91
N LEU C 23 0.68 15.62 -12.86
CA LEU C 23 0.75 16.86 -13.62
C LEU C 23 1.64 16.63 -14.82
N HIS C 24 2.75 15.94 -14.61
CA HIS C 24 3.61 15.66 -15.74
C HIS C 24 4.48 14.47 -15.42
N THR C 25 4.55 13.57 -16.36
CA THR C 25 5.30 12.34 -16.23
C THR C 25 6.16 12.28 -17.48
N GLU C 26 7.47 12.15 -17.32
CA GLU C 26 8.34 12.09 -18.48
C GLU C 26 9.68 11.45 -18.17
N GLN C 27 10.16 10.63 -19.08
CA GLN C 27 11.45 9.98 -18.92
C GLN C 27 12.40 10.89 -19.71
N THR C 28 13.30 11.50 -18.98
CA THR C 28 14.30 12.43 -19.51
C THR C 28 15.60 11.67 -19.92
N GLU C 29 16.51 12.38 -20.57
CA GLU C 29 17.82 11.82 -20.98
C GLU C 29 18.59 11.42 -19.71
N PHE C 30 18.26 12.12 -18.62
CA PHE C 30 18.92 11.93 -17.34
C PHE C 30 18.16 11.22 -16.23
N GLN C 31 16.84 11.40 -16.17
CA GLN C 31 16.08 10.78 -15.10
C GLN C 31 14.60 10.71 -15.39
N HIS C 32 13.88 10.10 -14.46
CA HIS C 32 12.45 9.98 -14.57
C HIS C 32 11.83 11.12 -13.77
N LEU C 33 11.24 12.07 -14.49
CA LEU C 33 10.61 13.24 -13.92
C LEU C 33 9.12 12.95 -13.69
N GLU C 34 8.60 13.29 -12.51
CA GLU C 34 7.19 13.11 -12.22
C GLU C 34 6.63 14.22 -11.35
N MET C 35 5.91 15.19 -11.91
CA MET C 35 5.32 16.24 -11.09
C MET C 35 3.96 15.66 -10.78
N VAL C 36 3.56 15.76 -9.53
CA VAL C 36 2.31 15.19 -9.08
C VAL C 36 1.61 16.15 -8.13
N GLU C 37 0.28 16.09 -8.04
CA GLU C 37 -0.42 16.92 -7.09
C GLU C 37 -0.83 16.04 -5.94
N THR C 38 -0.26 16.30 -4.76
CA THR C 38 -0.61 15.53 -3.58
C THR C 38 -1.59 16.33 -2.76
N GLU C 39 -2.43 15.61 -2.01
CA GLU C 39 -3.41 16.26 -1.19
C GLU C 39 -2.81 16.91 0.06
N GLU C 40 -1.77 16.28 0.60
CA GLU C 40 -1.15 16.79 1.80
C GLU C 40 -0.14 17.92 1.60
N PHE C 41 0.71 17.78 0.59
CA PHE C 41 1.77 18.74 0.33
C PHE C 41 1.70 19.63 -0.89
N GLY C 42 0.61 19.56 -1.63
CA GLY C 42 0.51 20.36 -2.83
C GLY C 42 1.30 19.66 -3.92
N ASN C 43 1.75 20.40 -4.91
CA ASN C 43 2.49 19.79 -6.00
C ASN C 43 3.80 19.31 -5.48
N MET C 44 4.21 18.13 -5.90
CA MET C 44 5.43 17.54 -5.42
C MET C 44 6.16 17.01 -6.65
N LEU C 45 7.48 17.23 -6.70
CA LEU C 45 8.30 16.73 -7.79
C LEU C 45 9.13 15.50 -7.36
N PHE C 46 9.07 14.44 -8.15
CA PHE C 46 9.84 13.22 -7.86
C PHE C 46 10.83 13.00 -8.98
N LEU C 47 12.05 12.62 -8.64
CA LEU C 47 13.08 12.32 -9.65
C LEU C 47 13.58 10.92 -9.34
N ASP C 48 13.38 10.03 -10.30
CA ASP C 48 13.77 8.64 -10.13
C ASP C 48 13.10 8.05 -8.89
N GLY C 49 11.80 8.31 -8.74
CA GLY C 49 11.04 7.77 -7.61
C GLY C 49 11.30 8.36 -6.24
N MET C 50 12.17 9.36 -6.12
CA MET C 50 12.48 9.95 -4.83
C MET C 50 11.98 11.40 -4.76
N VAL C 51 11.46 11.79 -3.62
CA VAL C 51 10.94 13.13 -3.41
C VAL C 51 12.01 14.20 -3.55
N MET C 52 11.76 15.22 -4.37
CA MET C 52 12.70 16.33 -4.53
C MET C 52 12.19 17.52 -3.68
N THR C 53 11.00 18.04 -3.97
CA THR C 53 10.39 19.11 -3.13
C THR C 53 8.92 19.00 -3.28
N SER C 54 8.21 19.80 -2.49
CA SER C 54 6.75 19.88 -2.54
C SER C 54 6.46 21.32 -2.16
N GLU C 55 5.31 21.85 -2.55
CA GLU C 55 4.95 23.23 -2.21
C GLU C 55 4.88 23.45 -0.71
N LYS C 56 4.39 22.47 0.03
CA LYS C 56 4.24 22.66 1.47
C LYS C 56 5.50 22.74 2.30
N ASP C 57 6.49 21.90 2.01
CA ASP C 57 7.69 21.90 2.85
C ASP C 57 9.02 22.27 2.22
N GLU C 58 8.99 22.69 0.97
CA GLU C 58 10.20 23.05 0.27
C GLU C 58 11.07 24.10 0.99
N PHE C 59 10.45 24.98 1.76
CA PHE C 59 11.17 26.05 2.43
C PHE C 59 12.30 25.65 3.35
N VAL C 60 12.19 24.52 4.02
CA VAL C 60 13.25 24.10 4.91
C VAL C 60 14.57 23.89 4.20
N TYR C 61 14.60 23.01 3.23
CA TYR C 61 15.82 22.72 2.49
C TYR C 61 16.39 23.98 1.82
N HIS C 62 15.55 24.70 1.09
CA HIS C 62 15.98 25.89 0.38
C HIS C 62 16.56 26.96 1.29
N GLU C 63 15.91 27.25 2.40
CA GLU C 63 16.41 28.25 3.32
C GLU C 63 17.70 27.84 4.04
N MET C 64 17.77 26.60 4.54
CA MET C 64 18.94 26.15 5.29
C MET C 64 20.18 25.93 4.44
N VAL C 65 19.98 25.58 3.18
CA VAL C 65 21.12 25.38 2.29
C VAL C 65 21.67 26.75 1.90
N ALA C 66 20.78 27.72 1.73
CA ALA C 66 21.20 29.05 1.31
C ALA C 66 21.69 29.97 2.40
N HIS C 67 20.82 30.25 3.37
CA HIS C 67 21.15 31.20 4.41
C HIS C 67 22.29 30.92 5.38
N VAL C 68 22.53 29.66 5.72
CA VAL C 68 23.62 29.39 6.65
C VAL C 68 24.96 29.83 6.04
N PRO C 69 25.28 29.39 4.81
CA PRO C 69 26.56 29.83 4.25
C PRO C 69 26.60 31.32 3.83
N LEU C 70 25.49 31.87 3.36
CA LEU C 70 25.49 33.26 2.96
C LEU C 70 25.72 34.20 4.15
N PHE C 71 25.07 33.93 5.28
CA PHE C 71 25.26 34.79 6.45
C PHE C 71 26.61 34.54 7.14
N THR C 72 27.16 33.34 6.95
CA THR C 72 28.46 32.98 7.49
C THR C 72 29.49 33.81 6.76
N HIS C 73 29.24 34.06 5.47
CA HIS C 73 30.14 34.85 4.63
C HIS C 73 29.90 36.35 4.92
N PRO C 74 30.97 37.12 5.21
CA PRO C 74 30.80 38.54 5.50
C PRO C 74 30.18 39.35 4.38
N ASN C 75 30.35 38.89 3.15
CA ASN C 75 29.80 39.61 2.01
C ASN C 75 29.82 38.75 0.74
N PRO C 76 28.81 37.87 0.57
CA PRO C 76 28.73 37.00 -0.60
C PRO C 76 28.28 37.80 -1.82
N GLU C 77 28.99 37.64 -2.93
CA GLU C 77 28.63 38.37 -4.14
C GLU C 77 28.44 37.52 -5.39
N HIS C 78 29.22 36.46 -5.49
CA HIS C 78 29.15 35.54 -6.63
C HIS C 78 28.91 34.17 -6.07
N VAL C 79 27.73 33.64 -6.36
CA VAL C 79 27.26 32.37 -5.85
C VAL C 79 26.91 31.34 -6.94
N LEU C 80 27.22 30.08 -6.68
CA LEU C 80 26.91 29.03 -7.62
C LEU C 80 25.99 27.98 -6.98
N VAL C 81 24.96 27.55 -7.71
CA VAL C 81 24.06 26.49 -7.24
C VAL C 81 24.18 25.38 -8.30
N VAL C 82 24.67 24.21 -7.90
CA VAL C 82 24.82 23.06 -8.81
C VAL C 82 23.69 22.08 -8.50
N GLY C 83 22.85 21.79 -9.51
CA GLY C 83 21.75 20.87 -9.34
C GLY C 83 20.49 21.43 -8.71
N GLY C 84 20.30 22.75 -8.75
CA GLY C 84 19.10 23.32 -8.17
C GLY C 84 18.01 23.64 -9.18
N GLY C 85 17.68 22.66 -10.01
CA GLY C 85 16.69 22.81 -11.06
C GLY C 85 15.37 23.48 -10.71
N ASP C 86 14.83 23.17 -9.54
CA ASP C 86 13.57 23.77 -9.07
C ASP C 86 13.68 25.28 -8.74
N GLY C 87 14.91 25.79 -8.69
CA GLY C 87 15.15 27.20 -8.42
C GLY C 87 14.89 27.73 -7.01
N GLY C 88 14.67 26.82 -6.07
CA GLY C 88 14.37 27.19 -4.71
C GLY C 88 15.50 27.84 -3.96
N VAL C 89 16.71 27.32 -4.11
CA VAL C 89 17.88 27.90 -3.45
C VAL C 89 18.15 29.30 -4.07
N ILE C 90 17.95 29.43 -5.39
CA ILE C 90 18.16 30.70 -6.09
C ILE C 90 17.20 31.74 -5.52
N ARG C 91 15.95 31.34 -5.32
CA ARG C 91 14.94 32.24 -4.75
C ARG C 91 15.40 32.82 -3.41
N GLU C 92 16.08 31.99 -2.63
CA GLU C 92 16.56 32.39 -1.32
C GLU C 92 17.85 33.24 -1.39
N ILE C 93 18.71 32.90 -2.35
CA ILE C 93 19.95 33.63 -2.57
C ILE C 93 19.63 35.08 -2.92
N LEU C 94 18.59 35.30 -3.72
CA LEU C 94 18.20 36.66 -4.13
C LEU C 94 17.70 37.57 -2.98
N LYS C 95 17.49 37.02 -1.79
CA LYS C 95 17.03 37.82 -0.66
C LYS C 95 18.24 38.56 -0.04
N HIS C 96 19.43 38.24 -0.54
CA HIS C 96 20.67 38.85 -0.08
C HIS C 96 21.11 39.92 -1.09
N PRO C 97 21.01 41.20 -0.71
CA PRO C 97 21.38 42.32 -1.58
C PRO C 97 22.83 42.24 -2.04
N SER C 98 23.72 41.74 -1.18
CA SER C 98 25.13 41.65 -1.53
C SER C 98 25.41 40.81 -2.76
N VAL C 99 24.50 39.90 -3.10
CA VAL C 99 24.73 39.01 -4.24
C VAL C 99 24.57 39.73 -5.57
N LYS C 100 25.67 39.80 -6.31
CA LYS C 100 25.67 40.48 -7.59
C LYS C 100 25.11 39.53 -8.66
N LYS C 101 25.53 38.28 -8.59
CA LYS C 101 25.09 37.30 -9.56
C LYS C 101 25.06 35.90 -8.99
N ALA C 102 23.95 35.20 -9.23
CA ALA C 102 23.76 33.83 -8.78
C ALA C 102 23.64 32.93 -10.01
N THR C 103 24.60 32.04 -10.20
CA THR C 103 24.58 31.14 -11.35
C THR C 103 23.91 29.82 -10.94
N LEU C 104 23.04 29.29 -11.79
CA LEU C 104 22.38 28.00 -11.54
C LEU C 104 22.78 27.08 -12.66
N VAL C 105 23.34 25.92 -12.36
CA VAL C 105 23.75 24.95 -13.38
C VAL C 105 23.07 23.61 -13.08
N ASP C 106 22.28 23.09 -14.02
CA ASP C 106 21.55 21.82 -13.85
C ASP C 106 21.59 21.09 -15.21
N ILE C 107 21.87 19.79 -15.25
CA ILE C 107 21.94 19.06 -16.53
C ILE C 107 20.59 18.90 -17.22
N ASP C 108 19.54 18.79 -16.42
CA ASP C 108 18.19 18.59 -16.94
C ASP C 108 17.36 19.87 -17.05
N GLY C 109 17.20 20.36 -18.27
CA GLY C 109 16.44 21.55 -18.51
C GLY C 109 14.96 21.31 -18.27
N LYS C 110 14.55 20.05 -18.38
CA LYS C 110 13.15 19.72 -18.17
C LYS C 110 12.68 19.86 -16.75
N VAL C 111 13.62 19.77 -15.81
CA VAL C 111 13.31 19.97 -14.40
C VAL C 111 13.01 21.46 -14.22
N ILE C 112 13.81 22.32 -14.85
CA ILE C 112 13.65 23.76 -14.76
C ILE C 112 12.33 24.17 -15.42
N GLU C 113 12.07 23.58 -16.59
CA GLU C 113 10.87 23.85 -17.32
C GLU C 113 9.60 23.56 -16.54
N TYR C 114 9.50 22.32 -16.03
CA TYR C 114 8.32 21.93 -15.29
C TYR C 114 8.20 22.47 -13.90
N SER C 115 9.32 22.93 -13.34
CA SER C 115 9.28 23.56 -12.01
C SER C 115 8.71 24.98 -12.20
N LYS C 116 9.07 25.61 -13.32
CA LYS C 116 8.57 26.95 -13.59
C LYS C 116 7.09 26.85 -13.76
N LYS C 117 6.67 25.79 -14.46
CA LYS C 117 5.25 25.55 -14.72
C LYS C 117 4.36 25.11 -13.56
N PHE C 118 4.84 24.18 -12.75
CA PHE C 118 4.03 23.62 -11.65
C PHE C 118 4.45 23.98 -10.24
N LEU C 119 5.66 24.52 -10.10
CA LEU C 119 6.17 24.95 -8.81
C LEU C 119 6.56 26.41 -8.97
N PRO C 120 5.60 27.27 -9.41
CA PRO C 120 5.92 28.69 -9.59
C PRO C 120 6.43 29.38 -8.32
N SER C 121 5.87 29.01 -7.16
CA SER C 121 6.28 29.60 -5.90
C SER C 121 7.74 29.26 -5.52
N ILE C 122 8.33 28.31 -6.25
CA ILE C 122 9.70 27.88 -5.98
C ILE C 122 10.62 28.30 -7.14
N ALA C 123 10.17 28.12 -8.37
CA ALA C 123 10.97 28.46 -9.55
C ALA C 123 10.74 29.85 -10.18
N GLY C 124 9.80 30.62 -9.63
CA GLY C 124 9.48 31.94 -10.16
C GLY C 124 10.55 33.05 -10.23
N LYS C 125 11.70 32.85 -9.61
CA LYS C 125 12.75 33.87 -9.62
C LYS C 125 13.88 33.57 -10.59
N LEU C 126 13.80 32.45 -11.31
CA LEU C 126 14.86 32.08 -12.24
C LEU C 126 14.97 33.03 -13.44
N ASP C 127 13.93 33.83 -13.64
CA ASP C 127 13.87 34.81 -14.73
C ASP C 127 14.45 36.16 -14.31
N ASP C 128 14.96 36.23 -13.08
CA ASP C 128 15.54 37.45 -12.52
C ASP C 128 16.88 37.78 -13.18
N PRO C 129 17.16 39.08 -13.44
CA PRO C 129 18.40 39.58 -14.07
C PRO C 129 19.68 39.22 -13.36
N ARG C 130 19.61 39.03 -12.04
CA ARG C 130 20.77 38.63 -11.26
C ARG C 130 21.08 37.13 -11.38
N VAL C 131 20.17 36.37 -11.96
CA VAL C 131 20.36 34.93 -12.12
C VAL C 131 20.84 34.58 -13.52
N ASP C 132 21.75 33.60 -13.59
CA ASP C 132 22.27 33.11 -14.86
C ASP C 132 22.02 31.61 -14.84
N VAL C 133 20.98 31.16 -15.53
CA VAL C 133 20.65 29.74 -15.60
C VAL C 133 21.36 29.04 -16.76
N GLN C 134 22.07 27.98 -16.46
CA GLN C 134 22.78 27.23 -17.49
C GLN C 134 22.42 25.77 -17.43
N VAL C 135 21.95 25.22 -18.54
CA VAL C 135 21.63 23.80 -18.57
C VAL C 135 22.91 23.12 -19.01
N ASP C 136 23.69 22.68 -18.03
CA ASP C 136 24.95 22.02 -18.32
C ASP C 136 25.35 21.14 -17.15
N ASP C 137 26.37 20.31 -17.33
CA ASP C 137 26.85 19.40 -16.30
C ASP C 137 26.84 19.87 -14.85
N GLY C 138 27.70 20.78 -14.46
CA GLY C 138 27.65 21.17 -13.06
C GLY C 138 28.93 20.73 -12.43
N PHE C 139 29.23 19.43 -12.54
CA PHE C 139 30.50 18.91 -12.03
C PHE C 139 31.54 19.40 -13.05
N MET C 140 31.20 19.36 -14.35
CA MET C 140 32.12 19.85 -15.40
C MET C 140 32.33 21.34 -15.16
N HIS C 141 31.25 22.01 -14.77
CA HIS C 141 31.29 23.43 -14.50
C HIS C 141 32.22 23.78 -13.33
N ILE C 142 32.13 23.01 -12.24
CA ILE C 142 33.01 23.24 -11.08
C ILE C 142 34.47 22.90 -11.49
N ALA C 143 34.65 21.83 -12.26
CA ALA C 143 35.99 21.43 -12.71
C ALA C 143 36.65 22.55 -13.50
N LYS C 144 35.85 23.32 -14.24
CA LYS C 144 36.36 24.43 -15.06
C LYS C 144 36.31 25.82 -14.44
N SER C 145 36.11 25.90 -13.13
CA SER C 145 36.08 27.20 -12.45
C SER C 145 37.31 27.35 -11.61
N GLU C 146 37.81 28.59 -11.50
CA GLU C 146 38.99 28.89 -10.69
C GLU C 146 38.66 30.16 -9.97
N ASN C 147 38.75 30.10 -8.66
CA ASN C 147 38.38 31.21 -7.77
C ASN C 147 37.44 32.27 -8.34
N GLN C 148 36.22 31.82 -8.57
CA GLN C 148 35.15 32.62 -9.12
C GLN C 148 34.01 32.84 -8.15
N TYR C 149 33.80 31.91 -7.22
CA TYR C 149 32.68 32.01 -6.30
C TYR C 149 32.99 32.13 -4.82
N ASP C 150 32.15 32.91 -4.16
CA ASP C 150 32.22 33.15 -2.75
C ASP C 150 31.58 31.97 -2.01
N VAL C 151 30.41 31.56 -2.51
CA VAL C 151 29.66 30.45 -1.93
C VAL C 151 29.20 29.55 -3.06
N ILE C 152 29.38 28.24 -2.87
CA ILE C 152 28.93 27.23 -3.83
C ILE C 152 28.02 26.22 -3.12
N MET C 153 26.74 26.18 -3.49
CA MET C 153 25.87 25.16 -2.89
C MET C 153 25.76 23.98 -3.90
N VAL C 154 26.16 22.80 -3.43
CA VAL C 154 26.18 21.58 -4.24
C VAL C 154 25.08 20.59 -3.88
N ASP C 155 24.55 19.94 -4.90
CA ASP C 155 23.49 18.94 -4.76
C ASP C 155 24.01 17.55 -4.35
N SER C 156 24.76 16.91 -5.24
CA SER C 156 25.31 15.60 -4.96
C SER C 156 26.77 15.80 -4.61
N THR C 157 27.25 14.94 -3.71
CA THR C 157 28.63 15.01 -3.29
C THR C 157 29.52 14.02 -4.07
N GLU C 158 28.91 13.26 -5.00
CA GLU C 158 29.63 12.28 -5.82
C GLU C 158 29.49 12.58 -7.29
N PRO C 159 30.56 13.09 -7.92
CA PRO C 159 30.56 13.42 -9.35
C PRO C 159 30.39 12.24 -10.33
N VAL C 160 29.58 12.44 -11.36
CA VAL C 160 29.31 11.44 -12.38
C VAL C 160 29.57 12.12 -13.71
N GLY C 161 30.12 11.36 -14.66
CA GLY C 161 30.46 11.91 -15.95
C GLY C 161 31.93 12.23 -15.86
N PRO C 162 32.41 13.29 -16.53
CA PRO C 162 33.84 13.63 -16.46
C PRO C 162 34.42 13.94 -15.04
N ALA C 163 34.97 12.89 -14.42
CA ALA C 163 35.62 12.98 -13.10
C ALA C 163 37.07 13.45 -13.34
N VAL C 164 37.16 14.69 -13.82
CA VAL C 164 38.42 15.40 -14.09
C VAL C 164 38.94 15.90 -12.73
N ASN C 165 38.09 15.78 -11.71
CA ASN C 165 38.42 16.19 -10.35
C ASN C 165 39.35 15.07 -9.85
N LEU C 166 40.59 15.10 -10.32
CA LEU C 166 41.57 14.09 -9.93
C LEU C 166 42.45 14.57 -8.79
N PHE C 167 42.07 15.69 -8.19
CA PHE C 167 42.79 16.25 -7.05
C PHE C 167 42.64 15.13 -6.03
N THR C 168 43.49 15.09 -5.00
CA THR C 168 43.33 14.02 -3.99
C THR C 168 41.89 14.19 -3.50
N LYS C 169 41.15 13.08 -3.46
CA LYS C 169 39.71 13.07 -3.11
C LYS C 169 39.08 14.21 -3.95
N GLY C 170 39.50 14.23 -5.21
CA GLY C 170 39.07 15.18 -6.19
C GLY C 170 38.02 16.23 -5.91
N PHE C 171 36.77 15.80 -5.74
CA PHE C 171 35.69 16.76 -5.58
C PHE C 171 35.86 17.97 -4.69
N TYR C 172 36.20 17.76 -3.43
CA TYR C 172 36.35 18.87 -2.49
C TYR C 172 37.48 19.82 -2.87
N ALA C 173 38.59 19.27 -3.36
CA ALA C 173 39.71 20.09 -3.79
C ALA C 173 39.27 20.83 -5.07
N GLY C 174 38.40 20.19 -5.87
CA GLY C 174 37.88 20.81 -7.08
C GLY C 174 37.05 22.02 -6.71
N ILE C 175 36.28 21.89 -5.64
CA ILE C 175 35.41 22.95 -5.12
C ILE C 175 36.26 24.07 -4.51
N ALA C 176 37.30 23.69 -3.77
CA ALA C 176 38.16 24.71 -3.17
C ALA C 176 38.75 25.54 -4.32
N LYS C 177 39.13 24.88 -5.42
CA LYS C 177 39.69 25.57 -6.57
C LYS C 177 38.71 26.57 -7.16
N ALA C 178 37.44 26.19 -7.26
CA ALA C 178 36.43 27.07 -7.83
C ALA C 178 36.06 28.21 -6.92
N LEU C 179 36.25 28.00 -5.62
CA LEU C 179 35.95 29.01 -4.62
C LEU C 179 37.06 30.07 -4.51
N LYS C 180 36.69 31.26 -4.08
CA LYS C 180 37.67 32.31 -3.85
C LYS C 180 38.44 31.95 -2.57
N GLU C 181 39.49 32.68 -2.28
CA GLU C 181 40.34 32.37 -1.12
C GLU C 181 39.65 32.21 0.25
N ASP C 182 38.51 32.85 0.40
CA ASP C 182 37.77 32.78 1.64
C ASP C 182 36.36 32.23 1.35
N GLY C 183 36.30 31.34 0.34
CA GLY C 183 35.04 30.76 -0.04
C GLY C 183 34.46 29.76 0.94
N ILE C 184 33.18 29.46 0.71
CA ILE C 184 32.42 28.54 1.53
C ILE C 184 31.61 27.66 0.58
N PHE C 185 31.43 26.40 0.96
CA PHE C 185 30.62 25.51 0.15
C PHE C 185 29.73 24.68 1.10
N VAL C 186 28.56 24.30 0.63
CA VAL C 186 27.63 23.50 1.41
C VAL C 186 27.13 22.34 0.54
N ALA C 187 26.97 21.16 1.14
CA ALA C 187 26.45 20.00 0.42
C ALA C 187 25.56 19.22 1.37
N GLN C 188 24.36 18.87 0.91
CA GLN C 188 23.44 18.10 1.74
C GLN C 188 24.15 16.76 1.90
N THR C 189 24.04 16.17 3.08
CA THR C 189 24.72 14.94 3.27
C THR C 189 23.87 13.88 3.98
N ASP C 190 22.64 13.75 3.48
CA ASP C 190 21.66 12.78 3.95
C ASP C 190 21.25 12.79 5.40
N ASN C 191 20.69 11.67 5.84
CA ASN C 191 20.22 11.53 7.21
C ASN C 191 21.13 10.61 8.02
N PRO C 192 21.15 10.76 9.34
CA PRO C 192 21.98 9.93 10.22
C PRO C 192 21.39 8.60 10.65
N TRP C 193 20.15 8.31 10.24
CA TRP C 193 19.52 7.06 10.64
C TRP C 193 19.69 5.86 9.70
N PHE C 194 19.70 6.10 8.39
CA PHE C 194 19.81 5.01 7.42
C PHE C 194 21.08 5.03 6.58
N THR C 195 21.69 6.19 6.42
CA THR C 195 22.95 6.24 5.66
C THR C 195 23.97 7.04 6.49
N PRO C 196 24.21 6.61 7.74
CA PRO C 196 25.16 7.35 8.55
C PRO C 196 26.60 7.32 8.01
N GLU C 197 26.96 6.29 7.26
CA GLU C 197 28.31 6.16 6.72
C GLU C 197 28.69 7.38 5.90
N LEU C 198 27.76 7.86 5.08
CA LEU C 198 27.98 9.01 4.21
C LEU C 198 28.41 10.24 5.00
N ILE C 199 27.79 10.47 6.15
CA ILE C 199 28.13 11.62 6.99
C ILE C 199 29.58 11.52 7.51
N THR C 200 29.99 10.34 7.92
CA THR C 200 31.32 10.12 8.43
C THR C 200 32.36 10.40 7.34
N ASN C 201 32.17 9.74 6.20
CA ASN C 201 33.04 9.84 5.05
C ASN C 201 33.22 11.23 4.51
N VAL C 202 32.10 11.91 4.22
CA VAL C 202 32.12 13.26 3.68
C VAL C 202 32.76 14.23 4.66
N GLN C 203 32.34 14.13 5.91
CA GLN C 203 32.88 14.99 6.95
C GLN C 203 34.42 14.86 7.01
N ARG C 204 34.91 13.63 6.94
CA ARG C 204 36.34 13.35 6.98
C ARG C 204 37.06 13.85 5.71
N ASP C 205 36.47 13.57 4.55
CA ASP C 205 37.06 13.99 3.28
C ASP C 205 37.08 15.49 3.06
N VAL C 206 36.05 16.16 3.56
CA VAL C 206 35.97 17.61 3.41
C VAL C 206 36.99 18.26 4.33
N LYS C 207 37.13 17.68 5.52
CA LYS C 207 38.08 18.19 6.52
C LYS C 207 39.52 18.12 6.01
N GLU C 208 39.79 17.17 5.12
CA GLU C 208 41.11 16.99 4.53
C GLU C 208 41.52 18.22 3.73
N ILE C 209 40.55 19.00 3.28
CA ILE C 209 40.91 20.17 2.49
C ILE C 209 40.44 21.53 3.00
N PHE C 210 39.42 21.59 3.86
CA PHE C 210 38.95 22.86 4.40
C PHE C 210 39.29 22.93 5.90
N PRO C 211 39.85 24.05 6.35
CA PRO C 211 40.19 24.14 7.78
C PRO C 211 38.95 24.08 8.66
N ILE C 212 37.82 24.53 8.13
CA ILE C 212 36.56 24.51 8.86
C ILE C 212 35.54 23.57 8.21
N THR C 213 35.18 22.50 8.92
CA THR C 213 34.20 21.53 8.43
C THR C 213 33.22 21.21 9.56
N LYS C 214 32.00 21.73 9.40
CA LYS C 214 30.94 21.54 10.39
C LYS C 214 29.78 20.80 9.73
N LEU C 215 28.85 20.31 10.55
CA LEU C 215 27.68 19.61 10.06
C LEU C 215 26.45 20.21 10.73
N TYR C 216 25.46 20.62 9.95
CA TYR C 216 24.27 21.17 10.58
C TYR C 216 23.06 20.37 10.21
N THR C 217 21.98 20.64 10.93
CA THR C 217 20.72 19.89 10.85
C THR C 217 19.46 20.69 10.52
N ALA C 218 18.44 20.00 10.02
CA ALA C 218 17.14 20.61 9.71
C ALA C 218 16.07 19.51 9.56
N ASN C 219 14.82 19.86 9.88
CA ASN C 219 13.68 18.95 9.77
C ASN C 219 12.96 19.06 8.42
N ILE C 220 13.05 18.02 7.61
CA ILE C 220 12.35 18.00 6.32
C ILE C 220 11.49 16.75 6.39
N PRO C 221 10.19 16.91 6.71
CA PRO C 221 9.20 15.83 6.84
C PRO C 221 9.01 14.88 5.67
N THR C 222 9.39 15.32 4.48
CA THR C 222 9.25 14.53 3.28
C THR C 222 10.55 13.81 2.90
N TYR C 223 11.60 13.98 3.71
CA TYR C 223 12.88 13.32 3.47
C TYR C 223 13.10 12.20 4.49
N PRO C 224 13.88 11.17 4.11
CA PRO C 224 14.13 10.03 5.01
C PRO C 224 14.48 10.40 6.45
N SER C 225 13.70 9.83 7.37
CA SER C 225 13.83 10.02 8.83
C SER C 225 13.37 11.36 9.42
N GLY C 226 13.10 12.36 8.58
CA GLY C 226 12.66 13.66 9.09
C GLY C 226 13.78 14.58 9.56
N LEU C 227 15.01 14.09 9.48
CA LEU C 227 16.17 14.86 9.89
C LEU C 227 17.17 14.79 8.77
N TRP C 228 17.47 15.94 8.18
CA TRP C 228 18.43 16.00 7.10
C TRP C 228 19.69 16.65 7.62
N THR C 229 20.78 16.39 6.91
CA THR C 229 22.10 16.84 7.32
C THR C 229 22.81 17.67 6.25
N PHE C 230 23.56 18.67 6.66
CA PHE C 230 24.30 19.52 5.71
C PHE C 230 25.74 19.70 6.14
N THR C 231 26.66 19.54 5.18
CA THR C 231 28.08 19.70 5.44
C THR C 231 28.53 21.05 4.92
N ILE C 232 29.24 21.80 5.75
CA ILE C 232 29.74 23.10 5.34
C ILE C 232 31.28 23.10 5.41
N GLY C 233 31.89 23.42 4.27
CA GLY C 233 33.33 23.47 4.18
C GLY C 233 33.63 24.94 4.00
N SER C 234 34.43 25.48 4.89
CA SER C 234 34.79 26.88 4.83
C SER C 234 36.29 27.02 4.86
N LYS C 235 36.79 27.97 4.08
CA LYS C 235 38.21 28.22 4.01
C LYS C 235 38.66 29.20 5.08
N LYS C 236 37.75 30.04 5.57
CA LYS C 236 38.12 31.04 6.56
C LYS C 236 37.06 31.43 7.60
N TYR C 237 35.81 31.61 7.19
CA TYR C 237 34.76 32.02 8.15
C TYR C 237 34.04 30.89 8.87
N ASP C 238 33.89 31.05 10.18
CA ASP C 238 33.24 30.08 11.04
C ASP C 238 31.76 30.43 11.11
N PRO C 239 30.88 29.47 10.77
CA PRO C 239 29.43 29.73 10.80
C PRO C 239 28.87 30.00 12.18
N LEU C 240 29.65 29.66 13.19
CA LEU C 240 29.25 29.86 14.57
C LEU C 240 29.82 31.15 15.15
N ALA C 241 30.56 31.87 14.33
CA ALA C 241 31.16 33.11 14.78
C ALA C 241 30.49 34.32 14.10
N VAL C 242 29.32 34.11 13.50
CA VAL C 242 28.67 35.21 12.81
C VAL C 242 28.32 36.32 13.78
N GLU C 243 28.65 37.55 13.39
CA GLU C 243 28.37 38.74 14.19
C GLU C 243 26.88 39.00 14.15
N ASP C 244 26.33 39.41 15.27
CA ASP C 244 24.90 39.71 15.35
C ASP C 244 24.47 40.82 14.37
N SER C 245 25.31 41.84 14.23
CA SER C 245 25.04 42.97 13.33
C SER C 245 25.03 42.56 11.87
N ARG C 246 25.59 41.37 11.59
CA ARG C 246 25.69 40.82 10.24
C ARG C 246 24.30 40.49 9.65
N PHE C 247 23.39 40.05 10.51
CA PHE C 247 22.06 39.69 10.07
C PHE C 247 21.22 40.94 9.75
N PHE C 248 20.22 40.76 8.91
CA PHE C 248 19.30 41.82 8.55
C PHE C 248 17.97 41.12 8.33
N ASP C 249 16.87 41.87 8.40
CA ASP C 249 15.54 41.28 8.21
C ASP C 249 15.41 40.62 6.85
N ILE C 250 14.94 39.39 6.88
CA ILE C 250 14.80 38.60 5.69
C ILE C 250 13.56 37.75 5.94
N GLU C 251 12.75 37.58 4.92
CA GLU C 251 11.54 36.81 5.08
C GLU C 251 11.81 35.32 4.91
N THR C 252 11.55 34.56 5.96
CA THR C 252 11.75 33.12 5.96
C THR C 252 10.67 32.45 6.80
N LYS C 253 10.52 31.13 6.65
CA LYS C 253 9.52 30.38 7.40
C LYS C 253 10.18 29.35 8.33
N TYR C 254 11.47 29.15 8.17
CA TYR C 254 12.18 28.21 9.01
C TYR C 254 13.41 28.87 9.65
N TYR C 255 14.36 29.23 8.79
CA TYR C 255 15.61 29.86 9.18
C TYR C 255 15.43 31.10 10.07
N THR C 256 16.35 31.21 11.01
CA THR C 256 16.35 32.28 12.02
C THR C 256 17.82 32.40 12.37
N LYS C 257 18.23 33.58 12.86
CA LYS C 257 19.63 33.80 13.26
C LYS C 257 20.01 32.82 14.37
N ASP C 258 19.04 32.50 15.22
CA ASP C 258 19.24 31.56 16.31
C ASP C 258 19.28 30.15 15.77
N ILE C 259 18.37 29.82 14.85
CA ILE C 259 18.38 28.49 14.20
C ILE C 259 19.74 28.30 13.53
N HIS C 260 20.29 29.42 13.05
CA HIS C 260 21.58 29.42 12.39
C HIS C 260 22.61 28.71 13.24
N LYS C 261 22.67 29.07 14.52
CA LYS C 261 23.62 28.45 15.43
C LYS C 261 23.10 27.13 15.99
N ALA C 262 21.82 27.08 16.33
CA ALA C 262 21.24 25.85 16.90
C ALA C 262 21.31 24.64 15.99
N ALA C 263 21.29 24.86 14.68
CA ALA C 263 21.34 23.76 13.73
C ALA C 263 22.64 22.98 13.81
N PHE C 264 23.67 23.58 14.40
CA PHE C 264 24.97 22.93 14.54
C PHE C 264 25.10 22.13 15.84
N VAL C 265 24.10 22.18 16.71
CA VAL C 265 24.11 21.42 17.97
C VAL C 265 23.51 20.07 17.61
N LEU C 266 24.38 19.08 17.51
CA LEU C 266 24.01 17.76 17.13
C LEU C 266 23.61 16.81 18.25
N PRO C 267 22.61 15.94 18.01
CA PRO C 267 22.18 14.96 19.02
C PRO C 267 23.41 14.06 19.20
N LYS C 268 23.59 13.58 20.41
CA LYS C 268 24.71 12.70 20.73
C LYS C 268 25.07 11.67 19.67
N PHE C 269 24.11 10.89 19.20
CA PHE C 269 24.44 9.87 18.21
C PHE C 269 24.94 10.41 16.85
N VAL C 270 24.58 11.65 16.55
CA VAL C 270 24.99 12.28 15.29
C VAL C 270 26.43 12.79 15.40
N SER C 271 26.80 13.34 16.56
CA SER C 271 28.17 13.79 16.80
C SER C 271 29.07 12.58 16.67
N ASP C 272 28.64 11.45 17.23
CA ASP C 272 29.42 10.21 17.15
C ASP C 272 29.84 9.80 15.74
N LEU C 273 29.08 10.24 14.74
CA LEU C 273 29.38 9.91 13.35
C LEU C 273 30.59 10.67 12.80
N ILE C 274 30.85 11.86 13.32
CA ILE C 274 31.99 12.64 12.86
C ILE C 274 33.15 12.47 13.83
N SER D 1 9.41 4.48 -9.83
CA SER D 1 8.08 5.08 -9.76
C SER D 1 7.15 4.08 -9.09
N GLU D 2 6.62 4.43 -7.91
CA GLU D 2 5.73 3.54 -7.20
C GLU D 2 4.38 4.23 -6.99
N LEU D 3 3.68 4.47 -8.09
CA LEU D 3 2.38 5.13 -8.01
C LEU D 3 1.37 4.01 -8.19
N TRP D 4 0.56 3.75 -7.18
CA TRP D 4 -0.41 2.65 -7.28
C TRP D 4 -1.79 3.10 -6.92
N TYR D 5 -2.78 2.54 -7.60
CA TYR D 5 -4.16 2.85 -7.34
C TYR D 5 -4.70 1.56 -6.74
N THR D 6 -5.25 1.66 -5.53
CA THR D 6 -5.79 0.51 -4.83
C THR D 6 -7.31 0.58 -4.68
N GLU D 7 -8.00 -0.53 -4.92
CA GLU D 7 -9.44 -0.57 -4.71
C GLU D 7 -9.69 -1.59 -3.61
N LYS D 8 -10.14 -1.11 -2.45
CA LYS D 8 -10.44 -1.99 -1.32
C LYS D 8 -11.82 -2.52 -1.68
N GLN D 9 -11.83 -3.66 -2.35
CA GLN D 9 -13.07 -4.29 -2.78
C GLN D 9 -13.87 -4.78 -1.58
N THR D 10 -13.25 -4.71 -0.42
CA THR D 10 -13.81 -5.14 0.85
C THR D 10 -12.96 -4.33 1.80
N LYS D 11 -13.40 -4.14 3.05
CA LYS D 11 -12.60 -3.40 4.02
C LYS D 11 -11.27 -4.14 4.25
N ASN D 12 -11.28 -5.45 3.99
CA ASN D 12 -10.13 -6.32 4.20
C ASN D 12 -9.48 -6.96 2.99
N PHE D 13 -9.84 -6.54 1.79
CA PHE D 13 -9.23 -7.15 0.62
C PHE D 13 -9.39 -6.28 -0.58
N GLY D 14 -8.42 -6.32 -1.48
CA GLY D 14 -8.49 -5.49 -2.66
C GLY D 14 -7.40 -5.76 -3.69
N ILE D 15 -7.45 -5.05 -4.80
CA ILE D 15 -6.45 -5.18 -5.85
C ILE D 15 -5.70 -3.88 -5.94
N THR D 16 -4.50 -3.92 -6.48
CA THR D 16 -3.69 -2.71 -6.59
C THR D 16 -3.02 -2.72 -7.99
N MET D 17 -3.26 -1.64 -8.74
CA MET D 17 -2.76 -1.44 -10.10
C MET D 17 -1.66 -0.40 -10.13
N LYS D 18 -0.59 -0.67 -10.87
CA LYS D 18 0.49 0.31 -10.99
C LYS D 18 0.06 1.34 -12.06
N VAL D 19 0.10 2.61 -11.70
CA VAL D 19 -0.29 3.70 -12.58
C VAL D 19 0.90 4.48 -13.16
N ASN D 20 0.85 4.78 -14.45
CA ASN D 20 1.92 5.53 -15.10
C ASN D 20 1.65 7.02 -15.04
N LYS D 21 0.38 7.39 -15.06
CA LYS D 21 -0.03 8.78 -15.02
C LYS D 21 -1.54 8.83 -15.04
N THR D 22 -2.11 9.94 -14.61
CA THR D 22 -3.54 10.09 -14.69
C THR D 22 -3.83 10.83 -16.01
N LEU D 23 -4.99 10.54 -16.60
CA LEU D 23 -5.39 11.14 -17.86
C LEU D 23 -6.41 12.23 -17.60
N HIS D 24 -7.33 11.99 -16.67
CA HIS D 24 -8.33 13.00 -16.36
C HIS D 24 -8.91 12.69 -15.02
N THR D 25 -8.99 13.73 -14.20
CA THR D 25 -9.47 13.64 -12.84
C THR D 25 -10.49 14.76 -12.71
N GLU D 26 -11.71 14.43 -12.31
CA GLU D 26 -12.72 15.45 -12.19
C GLU D 26 -13.85 15.04 -11.28
N GLN D 27 -14.32 15.97 -10.48
CA GLN D 27 -15.45 15.69 -9.62
C GLN D 27 -16.65 16.21 -10.41
N THR D 28 -17.53 15.29 -10.76
CA THR D 28 -18.73 15.54 -11.53
C THR D 28 -19.92 15.86 -10.57
N GLU D 29 -21.04 16.27 -11.14
CA GLU D 29 -22.27 16.56 -10.39
C GLU D 29 -22.74 15.27 -9.74
N PHE D 30 -22.39 14.16 -10.37
CA PHE D 30 -22.78 12.82 -9.96
C PHE D 30 -21.73 11.92 -9.30
N GLN D 31 -20.49 12.02 -9.73
CA GLN D 31 -19.47 11.15 -9.16
C GLN D 31 -18.06 11.65 -9.40
N HIS D 32 -17.10 10.92 -8.87
CA HIS D 32 -15.70 11.25 -9.04
C HIS D 32 -15.14 10.40 -10.18
N LEU D 33 -14.89 11.06 -11.31
CA LEU D 33 -14.38 10.45 -12.52
C LEU D 33 -12.84 10.49 -12.52
N GLU D 34 -12.20 9.35 -12.81
CA GLU D 34 -10.74 9.32 -12.87
C GLU D 34 -10.26 8.41 -13.98
N MET D 35 -9.84 8.95 -15.13
CA MET D 35 -9.32 8.10 -16.19
C MET D 35 -7.85 8.06 -15.85
N VAL D 36 -7.26 6.87 -15.92
CA VAL D 36 -5.88 6.67 -15.53
C VAL D 36 -5.20 5.72 -16.51
N GLU D 37 -3.89 5.87 -16.70
CA GLU D 37 -3.21 4.93 -17.56
C GLU D 37 -2.45 3.94 -16.68
N THR D 38 -2.87 2.68 -16.69
CA THR D 38 -2.19 1.67 -15.88
C THR D 38 -1.24 0.91 -16.79
N GLU D 39 -0.19 0.37 -16.18
CA GLU D 39 0.78 -0.38 -16.94
C GLU D 39 0.29 -1.77 -17.34
N GLU D 40 -0.52 -2.38 -16.49
CA GLU D 40 -1.04 -3.72 -16.74
C GLU D 40 -2.26 -3.79 -17.67
N PHE D 41 -3.22 -2.90 -17.47
CA PHE D 41 -4.44 -2.95 -18.25
C PHE D 41 -4.71 -1.85 -19.26
N GLY D 42 -3.76 -0.92 -19.42
CA GLY D 42 -3.98 0.19 -20.34
C GLY D 42 -4.82 1.22 -19.62
N ASN D 43 -5.54 2.06 -20.36
CA ASN D 43 -6.36 3.09 -19.71
C ASN D 43 -7.47 2.42 -18.94
N MET D 44 -7.70 2.91 -17.73
CA MET D 44 -8.71 2.35 -16.87
C MET D 44 -9.54 3.52 -16.35
N LEU D 45 -10.84 3.33 -16.26
CA LEU D 45 -11.74 4.36 -15.76
C LEU D 45 -12.27 3.93 -14.41
N PHE D 46 -12.16 4.83 -13.43
CA PHE D 46 -12.65 4.58 -12.06
C PHE D 46 -13.76 5.58 -11.76
N LEU D 47 -14.84 5.10 -11.12
CA LEU D 47 -15.94 5.98 -10.73
C LEU D 47 -16.14 5.80 -9.24
N ASP D 48 -15.94 6.88 -8.48
CA ASP D 48 -16.04 6.85 -7.02
C ASP D 48 -15.10 5.81 -6.44
N GLY D 49 -13.88 5.79 -6.96
CA GLY D 49 -12.86 4.87 -6.47
C GLY D 49 -12.98 3.42 -6.88
N MET D 50 -13.99 3.07 -7.67
CA MET D 50 -14.19 1.67 -8.11
C MET D 50 -13.95 1.52 -9.60
N VAL D 51 -13.34 0.40 -9.97
CA VAL D 51 -13.00 0.10 -11.36
C VAL D 51 -14.23 -0.06 -12.24
N MET D 52 -14.28 0.64 -13.39
CA MET D 52 -15.42 0.53 -14.28
C MET D 52 -15.02 -0.38 -15.45
N THR D 53 -13.99 -0.01 -16.21
CA THR D 53 -13.45 -0.82 -17.31
C THR D 53 -12.01 -0.46 -17.48
N SER D 54 -11.33 -1.21 -18.33
CA SER D 54 -9.95 -0.97 -18.67
C SER D 54 -9.84 -1.48 -20.11
N GLU D 55 -8.88 -0.98 -20.87
CA GLU D 55 -8.73 -1.43 -22.24
C GLU D 55 -8.48 -2.92 -22.33
N LYS D 56 -7.68 -3.45 -21.41
CA LYS D 56 -7.35 -4.87 -21.48
C LYS D 56 -8.47 -5.90 -21.23
N ASP D 57 -9.36 -5.66 -20.28
CA ASP D 57 -10.35 -6.69 -20.01
C ASP D 57 -11.79 -6.31 -20.17
N GLU D 58 -12.03 -5.12 -20.71
CA GLU D 58 -13.39 -4.63 -20.90
C GLU D 58 -14.32 -5.57 -21.70
N PHE D 59 -13.75 -6.33 -22.61
CA PHE D 59 -14.54 -7.21 -23.45
C PHE D 59 -15.39 -8.24 -22.76
N VAL D 60 -14.98 -8.70 -21.57
CA VAL D 60 -15.78 -9.71 -20.90
C VAL D 60 -17.15 -9.16 -20.54
N TYR D 61 -17.18 -8.12 -19.72
CA TYR D 61 -18.44 -7.52 -19.28
C TYR D 61 -19.32 -7.09 -20.46
N HIS D 62 -18.74 -6.35 -21.40
CA HIS D 62 -19.47 -5.88 -22.56
C HIS D 62 -20.06 -6.98 -23.41
N GLU D 63 -19.30 -8.03 -23.70
CA GLU D 63 -19.84 -9.12 -24.48
C GLU D 63 -20.91 -9.96 -23.76
N MET D 64 -20.67 -10.30 -22.50
CA MET D 64 -21.61 -11.15 -21.77
C MET D 64 -22.91 -10.44 -21.39
N VAL D 65 -22.85 -9.14 -21.19
CA VAL D 65 -24.07 -8.39 -20.88
C VAL D 65 -24.91 -8.24 -22.13
N ALA D 66 -24.27 -8.08 -23.27
CA ALA D 66 -24.98 -7.88 -24.53
C ALA D 66 -25.42 -9.13 -25.26
N HIS D 67 -24.47 -10.01 -25.58
CA HIS D 67 -24.77 -11.20 -26.34
C HIS D 67 -25.65 -12.29 -25.75
N VAL D 68 -25.64 -12.47 -24.44
CA VAL D 68 -26.48 -13.50 -23.91
C VAL D 68 -27.94 -13.15 -24.15
N PRO D 69 -28.40 -11.93 -23.78
CA PRO D 69 -29.82 -11.62 -24.02
C PRO D 69 -30.20 -11.41 -25.47
N LEU D 70 -29.29 -10.87 -26.28
CA LEU D 70 -29.60 -10.65 -27.68
C LEU D 70 -29.78 -11.96 -28.44
N PHE D 71 -28.93 -12.94 -28.20
CA PHE D 71 -29.08 -14.23 -28.87
C PHE D 71 -30.22 -15.06 -28.30
N THR D 72 -30.59 -14.80 -27.05
CA THR D 72 -31.71 -15.47 -26.38
C THR D 72 -33.00 -15.00 -27.06
N HIS D 73 -33.01 -13.72 -27.48
CA HIS D 73 -34.16 -13.13 -28.16
C HIS D 73 -34.11 -13.58 -29.64
N PRO D 74 -35.23 -14.09 -30.17
CA PRO D 74 -35.25 -14.54 -31.57
C PRO D 74 -34.94 -13.43 -32.57
N ASN D 75 -35.22 -12.18 -32.21
CA ASN D 75 -35.00 -11.10 -33.15
C ASN D 75 -35.07 -9.76 -32.42
N PRO D 76 -33.96 -9.32 -31.78
CA PRO D 76 -33.94 -8.06 -31.04
C PRO D 76 -33.85 -6.90 -32.02
N GLU D 77 -34.70 -5.89 -31.84
CA GLU D 77 -34.68 -4.75 -32.75
C GLU D 77 -34.54 -3.39 -32.08
N HIS D 78 -35.14 -3.25 -30.89
CA HIS D 78 -35.11 -2.03 -30.10
C HIS D 78 -34.53 -2.41 -28.75
N VAL D 79 -33.34 -1.88 -28.48
CA VAL D 79 -32.57 -2.16 -27.27
C VAL D 79 -32.24 -0.91 -26.46
N LEU D 80 -32.30 -1.04 -25.14
CA LEU D 80 -31.97 0.07 -24.24
C LEU D 80 -30.80 -0.32 -23.32
N VAL D 81 -29.83 0.57 -23.17
CA VAL D 81 -28.70 0.39 -22.27
C VAL D 81 -28.82 1.58 -21.28
N VAL D 82 -28.98 1.26 -19.99
CA VAL D 82 -29.07 2.27 -18.95
C VAL D 82 -27.74 2.25 -18.15
N GLY D 83 -27.06 3.39 -18.13
CA GLY D 83 -25.79 3.47 -17.42
C GLY D 83 -24.55 2.97 -18.18
N GLY D 84 -24.61 2.90 -19.50
CA GLY D 84 -23.45 2.41 -20.23
C GLY D 84 -22.61 3.51 -20.84
N GLY D 85 -22.27 4.50 -20.01
CA GLY D 85 -21.48 5.65 -20.43
C GLY D 85 -20.29 5.39 -21.31
N ASP D 86 -19.52 4.36 -20.99
CA ASP D 86 -18.32 4.00 -21.77
C ASP D 86 -18.64 3.50 -23.20
N GLY D 87 -19.91 3.20 -23.46
CA GLY D 87 -20.33 2.76 -24.77
C GLY D 87 -19.94 1.37 -25.21
N GLY D 88 -19.39 0.58 -24.29
CA GLY D 88 -18.97 -0.76 -24.62
C GLY D 88 -20.08 -1.76 -24.96
N VAL D 89 -21.20 -1.68 -24.25
CA VAL D 89 -22.33 -2.58 -24.51
C VAL D 89 -22.94 -2.19 -25.86
N ILE D 90 -22.97 -0.88 -26.13
CA ILE D 90 -23.51 -0.40 -27.41
C ILE D 90 -22.65 -0.95 -28.56
N ARG D 91 -21.33 -0.88 -28.41
CA ARG D 91 -20.40 -1.41 -29.42
C ARG D 91 -20.71 -2.89 -29.75
N GLU D 92 -21.12 -3.67 -28.76
CA GLU D 92 -21.46 -5.08 -28.94
C GLU D 92 -22.86 -5.28 -29.50
N ILE D 93 -23.79 -4.42 -29.10
CA ILE D 93 -25.16 -4.49 -29.62
C ILE D 93 -25.17 -4.27 -31.14
N LEU D 94 -24.33 -3.36 -31.62
CA LEU D 94 -24.24 -3.06 -33.05
C LEU D 94 -23.75 -4.23 -33.93
N LYS D 95 -23.23 -5.29 -33.31
CA LYS D 95 -22.76 -6.45 -34.06
C LYS D 95 -23.96 -7.33 -34.50
N HIS D 96 -25.15 -6.97 -34.00
CA HIS D 96 -26.39 -7.66 -34.34
C HIS D 96 -27.16 -6.84 -35.39
N PRO D 97 -27.23 -7.36 -36.63
CA PRO D 97 -27.92 -6.70 -37.73
C PRO D 97 -29.39 -6.45 -37.43
N SER D 98 -30.01 -7.35 -36.67
CA SER D 98 -31.42 -7.20 -36.35
C SER D 98 -31.76 -5.92 -35.57
N VAL D 99 -30.77 -5.36 -34.89
CA VAL D 99 -31.00 -4.15 -34.08
C VAL D 99 -31.17 -2.91 -34.96
N LYS D 100 -32.38 -2.35 -34.92
CA LYS D 100 -32.74 -1.15 -35.68
C LYS D 100 -32.22 0.09 -34.98
N LYS D 101 -32.38 0.11 -33.66
CA LYS D 101 -31.95 1.25 -32.86
C LYS D 101 -31.57 0.83 -31.44
N ALA D 102 -30.42 1.32 -31.00
CA ALA D 102 -29.91 1.07 -29.66
C ALA D 102 -29.85 2.41 -28.92
N THR D 103 -30.65 2.55 -27.88
CA THR D 103 -30.67 3.80 -27.11
C THR D 103 -29.74 3.67 -25.89
N LEU D 104 -28.92 4.69 -25.63
CA LEU D 104 -28.04 4.69 -24.46
C LEU D 104 -28.45 5.86 -23.59
N VAL D 105 -28.73 5.60 -22.32
CA VAL D 105 -29.11 6.67 -21.39
C VAL D 105 -28.14 6.62 -20.20
N ASP D 106 -27.46 7.73 -19.92
CA ASP D 106 -26.51 7.83 -18.79
C ASP D 106 -26.63 9.25 -18.21
N ILE D 107 -26.72 9.40 -16.89
CA ILE D 107 -26.84 10.73 -16.29
C ILE D 107 -25.62 11.61 -16.44
N ASP D 108 -24.44 11.00 -16.45
CA ASP D 108 -23.19 11.74 -16.54
C ASP D 108 -22.63 11.81 -17.96
N GLY D 109 -22.78 12.98 -18.60
CA GLY D 109 -22.28 13.15 -19.93
C GLY D 109 -20.77 13.18 -19.96
N LYS D 110 -20.15 13.45 -18.80
CA LYS D 110 -18.69 13.50 -18.75
C LYS D 110 -18.02 12.15 -18.84
N VAL D 111 -18.79 11.11 -18.52
CA VAL D 111 -18.30 9.74 -18.63
C VAL D 111 -18.21 9.41 -20.12
N ILE D 112 -19.25 9.80 -20.87
CA ILE D 112 -19.32 9.57 -22.29
C ILE D 112 -18.21 10.36 -23.00
N GLU D 113 -18.03 11.61 -22.59
CA GLU D 113 -17.02 12.50 -23.16
C GLU D 113 -15.58 11.96 -22.98
N TYR D 114 -15.23 11.60 -21.75
CA TYR D 114 -13.88 11.10 -21.51
C TYR D 114 -13.65 9.66 -21.95
N SER D 115 -14.73 8.91 -22.13
CA SER D 115 -14.57 7.55 -22.65
C SER D 115 -14.29 7.66 -24.16
N LYS D 116 -14.94 8.62 -24.81
CA LYS D 116 -14.73 8.79 -26.25
C LYS D 116 -13.30 9.22 -26.46
N LYS D 117 -12.81 10.05 -25.55
CA LYS D 117 -11.46 10.56 -25.63
C LYS D 117 -10.33 9.61 -25.24
N PHE D 118 -10.50 8.86 -24.14
CA PHE D 118 -9.46 7.95 -23.66
C PHE D 118 -9.69 6.46 -23.83
N LEU D 119 -10.93 6.08 -24.13
CA LEU D 119 -11.29 4.67 -24.33
C LEU D 119 -11.95 4.57 -25.72
N PRO D 120 -11.27 5.07 -26.76
CA PRO D 120 -11.84 5.03 -28.10
C PRO D 120 -12.25 3.63 -28.56
N SER D 121 -11.46 2.62 -28.20
CA SER D 121 -11.75 1.25 -28.58
C SER D 121 -13.02 0.71 -27.91
N ILE D 122 -13.56 1.47 -26.95
CA ILE D 122 -14.75 1.06 -26.23
C ILE D 122 -15.90 1.99 -26.58
N ALA D 123 -15.64 3.30 -26.63
CA ALA D 123 -16.68 4.29 -26.92
C ALA D 123 -16.78 4.77 -28.38
N GLY D 124 -15.91 4.25 -29.23
CA GLY D 124 -15.91 4.65 -30.64
C GLY D 124 -17.14 4.44 -31.53
N LYS D 125 -18.15 3.70 -31.06
CA LYS D 125 -19.35 3.47 -31.86
C LYS D 125 -20.55 4.30 -31.45
N LEU D 126 -20.38 5.15 -30.44
CA LEU D 126 -21.51 5.95 -29.96
C LEU D 126 -21.99 6.98 -30.99
N ASP D 127 -21.15 7.25 -31.98
CA ASP D 127 -21.44 8.20 -33.04
C ASP D 127 -22.16 7.54 -34.23
N ASP D 128 -22.48 6.25 -34.09
CA ASP D 128 -23.17 5.46 -35.12
C ASP D 128 -24.63 5.88 -35.24
N PRO D 129 -25.16 5.93 -36.48
CA PRO D 129 -26.55 6.30 -36.80
C PRO D 129 -27.62 5.49 -36.11
N ARG D 130 -27.29 4.23 -35.83
CA ARG D 130 -28.22 3.34 -35.14
C ARG D 130 -28.30 3.61 -33.64
N VAL D 131 -27.37 4.41 -33.13
CA VAL D 131 -27.32 4.74 -31.71
C VAL D 131 -27.96 6.09 -31.39
N ASP D 132 -28.69 6.16 -30.27
CA ASP D 132 -29.33 7.38 -29.83
C ASP D 132 -28.83 7.58 -28.40
N VAL D 133 -27.85 8.46 -28.23
CA VAL D 133 -27.29 8.72 -26.89
C VAL D 133 -28.05 9.83 -26.18
N GLN D 134 -28.48 9.58 -24.96
CA GLN D 134 -29.22 10.59 -24.20
C GLN D 134 -28.60 10.76 -22.84
N VAL D 135 -28.24 11.99 -22.48
CA VAL D 135 -27.69 12.21 -21.16
C VAL D 135 -28.88 12.54 -20.30
N ASP D 136 -29.41 11.54 -19.61
CA ASP D 136 -30.56 11.73 -18.76
C ASP D 136 -30.61 10.61 -17.71
N ASP D 137 -31.49 10.74 -16.72
CA ASP D 137 -31.63 9.78 -15.63
C ASP D 137 -31.46 8.30 -15.96
N GLY D 138 -32.39 7.70 -16.69
CA GLY D 138 -32.21 6.28 -16.96
C GLY D 138 -33.29 5.54 -16.21
N PHE D 139 -33.35 5.74 -14.90
CA PHE D 139 -34.41 5.13 -14.10
C PHE D 139 -35.67 5.92 -14.45
N MET D 140 -35.55 7.24 -14.61
CA MET D 140 -36.71 8.07 -15.00
C MET D 140 -37.13 7.62 -16.40
N HIS D 141 -36.13 7.35 -17.23
CA HIS D 141 -36.39 6.91 -18.59
C HIS D 141 -37.16 5.57 -18.64
N ILE D 142 -36.77 4.63 -17.78
CA ILE D 142 -37.44 3.33 -17.73
C ILE D 142 -38.85 3.55 -17.18
N ALA D 143 -38.96 4.41 -16.18
CA ALA D 143 -40.25 4.71 -15.57
C ALA D 143 -41.23 5.27 -16.60
N LYS D 144 -40.70 6.02 -17.57
CA LYS D 144 -41.52 6.60 -18.61
C LYS D 144 -41.63 5.82 -19.92
N SER D 145 -41.24 4.56 -19.93
CA SER D 145 -41.33 3.75 -21.15
C SER D 145 -42.43 2.73 -21.00
N GLU D 146 -43.10 2.41 -22.10
CA GLU D 146 -44.17 1.41 -22.11
C GLU D 146 -43.95 0.57 -23.36
N ASN D 147 -43.80 -0.72 -23.14
CA ASN D 147 -43.48 -1.68 -24.18
C ASN D 147 -42.88 -1.09 -25.45
N GLN D 148 -41.64 -0.65 -25.27
CA GLN D 148 -40.82 -0.06 -26.33
C GLN D 148 -39.59 -0.87 -26.71
N TYR D 149 -39.08 -1.65 -25.74
CA TYR D 149 -37.85 -2.42 -25.95
C TYR D 149 -37.94 -3.93 -25.85
N ASP D 150 -37.15 -4.54 -26.71
CA ASP D 150 -37.02 -5.97 -26.81
C ASP D 150 -36.08 -6.46 -25.71
N VAL D 151 -34.96 -5.74 -25.57
CA VAL D 151 -33.94 -6.05 -24.59
C VAL D 151 -33.51 -4.77 -23.90
N ILE D 152 -33.41 -4.84 -22.58
CA ILE D 152 -32.96 -3.71 -21.78
C ILE D 152 -31.80 -4.17 -20.89
N MET D 153 -30.61 -3.62 -21.12
CA MET D 153 -29.50 -3.95 -20.22
C MET D 153 -29.35 -2.81 -19.20
N VAL D 154 -29.45 -3.17 -17.93
CA VAL D 154 -29.38 -2.24 -16.81
C VAL D 154 -28.08 -2.33 -16.01
N ASP D 155 -27.62 -1.17 -15.57
CA ASP D 155 -26.40 -1.03 -14.78
C ASP D 155 -26.60 -1.34 -13.29
N SER D 156 -27.38 -0.51 -12.61
CA SER D 156 -27.66 -0.69 -11.20
C SER D 156 -29.04 -1.27 -11.07
N THR D 157 -29.21 -2.13 -10.08
CA THR D 157 -30.50 -2.74 -9.83
C THR D 157 -31.32 -1.96 -8.75
N GLU D 158 -30.74 -0.88 -8.20
CA GLU D 158 -31.39 -0.06 -7.19
C GLU D 158 -31.55 1.39 -7.65
N PRO D 159 -32.78 1.78 -8.02
CA PRO D 159 -33.06 3.14 -8.49
C PRO D 159 -32.86 4.26 -7.44
N VAL D 160 -32.24 5.35 -7.88
CA VAL D 160 -31.98 6.51 -7.04
C VAL D 160 -32.57 7.72 -7.78
N GLY D 161 -33.13 8.66 -7.02
CA GLY D 161 -33.77 9.82 -7.60
C GLY D 161 -35.25 9.48 -7.64
N PRO D 162 -36.00 9.96 -8.64
CA PRO D 162 -37.43 9.63 -8.70
C PRO D 162 -37.81 8.12 -8.77
N ALA D 163 -38.04 7.55 -7.59
CA ALA D 163 -38.46 6.15 -7.42
C ALA D 163 -40.01 6.09 -7.63
N VAL D 164 -40.42 6.44 -8.85
CA VAL D 164 -41.81 6.44 -9.31
C VAL D 164 -42.19 4.97 -9.57
N ASN D 165 -41.19 4.10 -9.53
CA ASN D 165 -41.35 2.67 -9.75
C ASN D 165 -41.99 2.19 -8.44
N LEU D 166 -43.27 2.45 -8.28
CA LEU D 166 -43.99 2.05 -7.06
C LEU D 166 -44.75 0.75 -7.25
N PHE D 167 -44.47 0.08 -8.36
CA PHE D 167 -45.09 -1.20 -8.68
C PHE D 167 -44.59 -2.05 -7.52
N THR D 168 -45.21 -3.20 -7.23
CA THR D 168 -44.70 -4.04 -6.13
C THR D 168 -43.25 -4.35 -6.53
N LYS D 169 -42.32 -4.13 -5.58
CA LYS D 169 -40.87 -4.27 -5.81
C LYS D 169 -40.59 -3.51 -7.13
N GLY D 170 -41.19 -2.32 -7.17
CA GLY D 170 -41.11 -1.39 -8.26
C GLY D 170 -40.22 -1.64 -9.45
N PHE D 171 -38.89 -1.58 -9.25
CA PHE D 171 -37.99 -1.69 -10.39
C PHE D 171 -38.23 -2.74 -11.47
N TYR D 172 -38.33 -4.01 -11.06
CA TYR D 172 -38.54 -5.08 -12.03
C TYR D 172 -39.87 -4.99 -12.77
N ALA D 173 -40.92 -4.60 -12.06
CA ALA D 173 -42.21 -4.41 -12.70
C ALA D 173 -42.13 -3.18 -13.63
N GLY D 174 -41.29 -2.21 -13.26
CA GLY D 174 -41.08 -1.02 -14.07
C GLY D 174 -40.44 -1.38 -15.40
N ILE D 175 -39.46 -2.29 -15.32
CA ILE D 175 -38.74 -2.81 -16.47
C ILE D 175 -39.68 -3.67 -17.33
N ALA D 176 -40.52 -4.49 -16.67
CA ALA D 176 -41.41 -5.34 -17.45
C ALA D 176 -42.29 -4.42 -18.27
N LYS D 177 -42.73 -3.32 -17.63
CA LYS D 177 -43.60 -2.33 -18.30
C LYS D 177 -42.95 -1.71 -19.52
N ALA D 178 -41.66 -1.41 -19.44
CA ALA D 178 -40.90 -0.83 -20.55
C ALA D 178 -40.60 -1.84 -21.67
N LEU D 179 -40.58 -3.11 -21.30
CA LEU D 179 -40.27 -4.19 -22.24
C LEU D 179 -41.51 -4.59 -23.02
N LYS D 180 -41.29 -5.10 -24.23
CA LYS D 180 -42.40 -5.58 -25.04
C LYS D 180 -42.86 -6.89 -24.42
N GLU D 181 -44.00 -7.41 -24.87
CA GLU D 181 -44.57 -8.63 -24.31
C GLU D 181 -43.64 -9.85 -24.19
N ASP D 182 -42.60 -9.91 -25.02
CA ASP D 182 -41.66 -11.02 -25.00
C ASP D 182 -40.24 -10.47 -24.74
N GLY D 183 -40.20 -9.38 -23.98
CA GLY D 183 -38.95 -8.73 -23.66
C GLY D 183 -38.05 -9.51 -22.73
N ILE D 184 -36.79 -9.06 -22.69
CA ILE D 184 -35.73 -9.63 -21.89
C ILE D 184 -34.94 -8.47 -21.27
N PHE D 185 -34.49 -8.64 -20.03
CA PHE D 185 -33.66 -7.63 -19.39
C PHE D 185 -32.52 -8.35 -18.64
N VAL D 186 -31.37 -7.68 -18.54
CA VAL D 186 -30.20 -8.23 -17.87
C VAL D 186 -29.68 -7.18 -16.90
N ALA D 187 -29.18 -7.59 -15.75
CA ALA D 187 -28.60 -6.65 -14.76
C ALA D 187 -27.44 -7.35 -14.09
N GLN D 188 -26.31 -6.68 -14.02
CA GLN D 188 -25.16 -7.28 -13.36
C GLN D 188 -25.60 -7.39 -11.92
N THR D 189 -25.16 -8.43 -11.25
CA THR D 189 -25.58 -8.61 -9.89
C THR D 189 -24.46 -9.08 -8.98
N ASP D 190 -23.33 -8.37 -9.12
CA ASP D 190 -22.14 -8.58 -8.31
C ASP D 190 -21.52 -9.96 -8.25
N ASN D 191 -20.73 -10.21 -7.22
CA ASN D 191 -20.03 -11.48 -7.06
C ASN D 191 -20.62 -12.24 -5.88
N PRO D 192 -20.48 -13.58 -5.89
CA PRO D 192 -20.97 -14.46 -4.84
C PRO D 192 -20.08 -14.64 -3.64
N TRP D 193 -18.89 -14.04 -3.64
CA TRP D 193 -17.99 -14.19 -2.49
C TRP D 193 -18.11 -13.12 -1.38
N PHE D 194 -18.35 -11.87 -1.75
CA PHE D 194 -18.42 -10.81 -0.77
C PHE D 194 -19.81 -10.17 -0.60
N THR D 195 -20.64 -10.27 -1.63
CA THR D 195 -21.99 -9.70 -1.52
C THR D 195 -22.99 -10.75 -2.04
N PRO D 196 -22.95 -11.97 -1.45
CA PRO D 196 -23.86 -13.01 -1.90
C PRO D 196 -25.33 -12.67 -1.64
N GLU D 197 -25.62 -11.88 -0.61
CA GLU D 197 -27.00 -11.52 -0.29
C GLU D 197 -27.71 -10.91 -1.50
N LEU D 198 -27.01 -10.04 -2.23
CA LEU D 198 -27.56 -9.34 -3.41
C LEU D 198 -28.08 -10.32 -4.46
N ILE D 199 -27.32 -11.38 -4.69
CA ILE D 199 -27.72 -12.40 -5.66
C ILE D 199 -29.03 -13.10 -5.23
N THR D 200 -29.15 -13.44 -3.96
CA THR D 200 -30.36 -14.09 -3.43
C THR D 200 -31.58 -13.18 -3.60
N ASN D 201 -31.46 -11.95 -3.11
CA ASN D 201 -32.53 -10.94 -3.15
C ASN D 201 -33.00 -10.61 -4.54
N VAL D 202 -32.07 -10.25 -5.43
CA VAL D 202 -32.41 -9.89 -6.81
C VAL D 202 -33.06 -11.06 -7.54
N GLN D 203 -32.45 -12.22 -7.39
CA GLN D 203 -32.95 -13.44 -8.01
C GLN D 203 -34.41 -13.72 -7.60
N ARG D 204 -34.70 -13.58 -6.31
CA ARG D 204 -36.05 -13.76 -5.79
C ARG D 204 -37.01 -12.66 -6.25
N ASP D 205 -36.57 -11.40 -6.20
CA ASP D 205 -37.42 -10.28 -6.59
C ASP D 205 -37.74 -10.25 -8.08
N VAL D 206 -36.78 -10.65 -8.90
CA VAL D 206 -36.98 -10.66 -10.35
C VAL D 206 -37.93 -11.79 -10.73
N LYS D 207 -37.82 -12.92 -10.00
CA LYS D 207 -38.64 -14.09 -10.23
C LYS D 207 -40.10 -13.77 -9.95
N GLU D 208 -40.31 -12.84 -9.02
CA GLU D 208 -41.68 -12.42 -8.66
C GLU D 208 -42.40 -11.83 -9.86
N ILE D 209 -41.67 -11.36 -10.86
CA ILE D 209 -42.35 -10.78 -11.99
C ILE D 209 -42.06 -11.38 -13.36
N PHE D 210 -40.94 -12.08 -13.51
CA PHE D 210 -40.62 -12.73 -14.79
C PHE D 210 -40.73 -14.25 -14.66
N PRO D 211 -41.40 -14.91 -15.60
CA PRO D 211 -41.52 -16.37 -15.53
C PRO D 211 -40.15 -17.04 -15.61
N ILE D 212 -39.23 -16.42 -16.35
CA ILE D 212 -37.88 -16.96 -16.49
C ILE D 212 -36.83 -16.06 -15.81
N THR D 213 -36.20 -16.56 -14.75
CA THR D 213 -35.14 -15.83 -14.04
C THR D 213 -33.94 -16.74 -13.83
N LYS D 214 -32.88 -16.49 -14.58
CA LYS D 214 -31.67 -17.30 -14.48
C LYS D 214 -30.51 -16.41 -14.01
N LEU D 215 -29.37 -17.02 -13.70
CA LEU D 215 -28.18 -16.28 -13.27
C LEU D 215 -26.99 -16.84 -14.01
N TYR D 216 -26.24 -16.00 -14.69
CA TYR D 216 -25.07 -16.49 -15.40
C TYR D 216 -23.80 -15.84 -14.89
N THR D 217 -22.68 -16.44 -15.27
CA THR D 217 -21.36 -16.09 -14.79
C THR D 217 -20.34 -15.71 -15.87
N ALA D 218 -19.28 -15.01 -15.44
CA ALA D 218 -18.18 -14.59 -16.30
C ALA D 218 -16.99 -14.14 -15.45
N ASN D 219 -15.78 -14.32 -16.00
CA ASN D 219 -14.53 -13.94 -15.31
C ASN D 219 -14.05 -12.54 -15.67
N ILE D 220 -14.11 -11.61 -14.72
CA ILE D 220 -13.62 -10.25 -14.96
C ILE D 220 -12.55 -10.06 -13.90
N PRO D 221 -11.26 -10.17 -14.27
CA PRO D 221 -10.09 -10.04 -13.39
C PRO D 221 -9.94 -8.75 -12.62
N THR D 222 -10.60 -7.69 -13.09
CA THR D 222 -10.55 -6.41 -12.45
C THR D 222 -11.72 -6.16 -11.54
N TYR D 223 -12.64 -7.11 -11.44
CA TYR D 223 -13.81 -6.96 -10.57
C TYR D 223 -13.68 -7.83 -9.35
N PRO D 224 -14.30 -7.43 -8.23
CA PRO D 224 -14.21 -8.22 -7.00
C PRO D 224 -14.38 -9.74 -7.15
N SER D 225 -13.37 -10.48 -6.69
CA SER D 225 -13.31 -11.95 -6.68
C SER D 225 -13.00 -12.64 -8.01
N GLY D 226 -13.01 -11.90 -9.11
CA GLY D 226 -12.74 -12.48 -10.42
C GLY D 226 -13.94 -13.19 -11.06
N LEU D 227 -15.04 -13.26 -10.32
CA LEU D 227 -16.24 -13.91 -10.82
C LEU D 227 -17.39 -12.95 -10.68
N TRP D 228 -17.94 -12.53 -11.81
CA TRP D 228 -19.05 -11.61 -11.81
C TRP D 228 -20.31 -12.38 -12.17
N THR D 229 -21.44 -11.85 -11.74
CA THR D 229 -22.73 -12.48 -11.89
C THR D 229 -23.72 -11.60 -12.65
N PHE D 230 -24.61 -12.24 -13.42
CA PHE D 230 -25.62 -11.50 -14.20
C PHE D 230 -26.96 -12.17 -14.05
N THR D 231 -27.99 -11.37 -13.81
CA THR D 231 -29.36 -11.82 -13.66
C THR D 231 -30.11 -11.50 -14.96
N ILE D 232 -30.76 -12.51 -15.51
CA ILE D 232 -31.54 -12.35 -16.74
C ILE D 232 -33.01 -12.65 -16.43
N GLY D 233 -33.86 -11.66 -16.70
CA GLY D 233 -35.28 -11.81 -16.49
C GLY D 233 -35.86 -11.83 -17.88
N SER D 234 -36.58 -12.90 -18.20
CA SER D 234 -37.18 -13.04 -19.51
C SER D 234 -38.67 -13.28 -19.35
N LYS D 235 -39.44 -12.71 -20.25
CA LYS D 235 -40.89 -12.87 -20.22
C LYS D 235 -41.32 -14.10 -20.99
N LYS D 236 -40.51 -14.54 -21.96
CA LYS D 236 -40.88 -15.68 -22.78
C LYS D 236 -39.74 -16.60 -23.24
N TYR D 237 -38.62 -16.05 -23.71
CA TYR D 237 -37.53 -16.89 -24.21
C TYR D 237 -36.51 -17.36 -23.17
N ASP D 238 -36.22 -18.65 -23.23
CA ASP D 238 -35.26 -19.27 -22.32
C ASP D 238 -33.87 -19.16 -22.97
N PRO D 239 -32.91 -18.58 -22.25
CA PRO D 239 -31.55 -18.43 -22.78
C PRO D 239 -30.82 -19.75 -23.04
N LEU D 240 -31.33 -20.83 -22.43
CA LEU D 240 -30.75 -22.15 -22.57
C LEU D 240 -31.48 -22.96 -23.63
N ALA D 241 -32.41 -22.34 -24.31
CA ALA D 241 -33.16 -23.02 -25.34
C ALA D 241 -32.83 -22.41 -26.71
N VAL D 242 -31.76 -21.64 -26.79
CA VAL D 242 -31.42 -21.02 -28.05
C VAL D 242 -31.11 -22.06 -29.13
N GLU D 243 -31.70 -21.86 -30.31
CA GLU D 243 -31.51 -22.75 -31.43
C GLU D 243 -30.11 -22.56 -31.97
N ASP D 244 -29.47 -23.63 -32.38
CA ASP D 244 -28.14 -23.54 -32.93
C ASP D 244 -28.07 -22.65 -34.19
N SER D 245 -29.09 -22.74 -35.04
CA SER D 245 -29.15 -21.97 -36.28
C SER D 245 -29.30 -20.48 -36.01
N ARG D 246 -29.69 -20.14 -34.77
CA ARG D 246 -29.91 -18.75 -34.34
C ARG D 246 -28.59 -17.95 -34.31
N PHE D 247 -27.50 -18.63 -33.98
CA PHE D 247 -26.24 -17.96 -33.93
C PHE D 247 -25.68 -17.67 -35.31
N PHE D 248 -24.85 -16.64 -35.42
CA PHE D 248 -24.18 -16.28 -36.66
C PHE D 248 -22.78 -15.81 -36.28
N ASP D 249 -21.83 -15.83 -37.21
CA ASP D 249 -20.48 -15.38 -36.89
C ASP D 249 -20.48 -13.96 -36.40
N ILE D 250 -19.78 -13.76 -35.29
CA ILE D 250 -19.70 -12.46 -34.66
C ILE D 250 -18.31 -12.41 -34.08
N GLU D 251 -17.67 -11.26 -34.16
CA GLU D 251 -16.33 -11.15 -33.62
C GLU D 251 -16.35 -10.85 -32.12
N THR D 252 -15.80 -11.77 -31.33
CA THR D 252 -15.74 -11.62 -29.88
C THR D 252 -14.42 -12.20 -29.36
N LYS D 253 -14.09 -11.89 -28.10
CA LYS D 253 -12.87 -12.38 -27.50
C LYS D 253 -13.17 -13.25 -26.27
N TYR D 254 -14.42 -13.30 -25.87
CA TYR D 254 -14.81 -14.10 -24.71
C TYR D 254 -16.00 -14.97 -25.04
N TYR D 255 -17.12 -14.30 -25.31
CA TYR D 255 -18.38 -14.95 -25.64
C TYR D 255 -18.25 -15.95 -26.79
N THR D 256 -19.02 -17.03 -26.66
CA THR D 256 -19.06 -18.12 -27.60
C THR D 256 -20.47 -18.71 -27.45
N LYS D 257 -20.99 -19.37 -28.48
CA LYS D 257 -22.32 -19.98 -28.39
C LYS D 257 -22.32 -21.00 -27.28
N ASP D 258 -21.17 -21.66 -27.05
CA ASP D 258 -21.04 -22.63 -25.97
C ASP D 258 -20.94 -21.95 -24.65
N ILE D 259 -20.16 -20.87 -24.58
CA ILE D 259 -20.02 -20.09 -23.34
C ILE D 259 -21.42 -19.62 -22.96
N HIS D 260 -22.22 -19.31 -23.98
CA HIS D 260 -23.60 -18.86 -23.80
C HIS D 260 -24.35 -19.78 -22.85
N LYS D 261 -24.25 -21.09 -23.07
CA LYS D 261 -24.92 -22.05 -22.20
C LYS D 261 -24.11 -22.38 -20.95
N ALA D 262 -22.80 -22.52 -21.10
CA ALA D 262 -21.93 -22.84 -19.98
C ALA D 262 -21.91 -21.78 -18.88
N ALA D 263 -22.17 -20.53 -19.22
CA ALA D 263 -22.17 -19.47 -18.20
C ALA D 263 -23.29 -19.65 -17.19
N PHE D 264 -24.28 -20.46 -17.53
CA PHE D 264 -25.40 -20.71 -16.62
C PHE D 264 -25.18 -21.89 -15.69
N VAL D 265 -24.08 -22.60 -15.86
CA VAL D 265 -23.75 -23.74 -15.00
C VAL D 265 -23.00 -23.17 -13.78
N LEU D 266 -23.70 -23.07 -12.67
CA LEU D 266 -23.13 -22.48 -11.48
C LEU D 266 -22.42 -23.41 -10.52
N PRO D 267 -21.36 -22.90 -9.89
CA PRO D 267 -20.60 -23.70 -8.93
C PRO D 267 -21.59 -23.97 -7.81
N LYS D 268 -21.51 -25.13 -7.21
CA LYS D 268 -22.41 -25.51 -6.13
C LYS D 268 -22.75 -24.40 -5.13
N PHE D 269 -21.75 -23.70 -4.58
CA PHE D 269 -22.05 -22.65 -3.60
C PHE D 269 -22.81 -21.46 -4.17
N VAL D 270 -22.74 -21.26 -5.49
CA VAL D 270 -23.44 -20.16 -6.12
C VAL D 270 -24.92 -20.54 -6.33
N SER D 271 -25.20 -21.79 -6.72
CA SER D 271 -26.59 -22.26 -6.88
C SER D 271 -27.30 -22.09 -5.54
N ASP D 272 -26.59 -22.45 -4.47
CA ASP D 272 -27.13 -22.36 -3.13
C ASP D 272 -27.69 -21.00 -2.78
N LEU D 273 -27.19 -19.95 -3.45
CA LEU D 273 -27.65 -18.59 -3.19
C LEU D 273 -29.05 -18.31 -3.73
N ILE D 274 -29.42 -18.99 -4.81
CA ILE D 274 -30.74 -18.79 -5.37
C ILE D 274 -31.70 -19.88 -4.88
#